data_3LXQ
#
_entry.id   3LXQ
#
_cell.length_a   49.603
_cell.length_b   164.521
_cell.length_c   50.929
_cell.angle_alpha   90.000
_cell.angle_beta   109.340
_cell.angle_gamma   90.000
#
_symmetry.space_group_name_H-M   'P 1 21 1'
#
loop_
_entity.id
_entity.type
_entity.pdbx_description
1 polymer 'Uncharacterized protein VP1736'
2 non-polymer 'CHLORIDE ION'
3 water water
#
_entity_poly.entity_id   1
_entity_poly.type   'polypeptide(L)'
_entity_poly.pdbx_seq_one_letter_code
;HRPLNPA(MSE)VAFSNDPLLNDLALNSSYSLLFAVNN(MSE)KSEKSAEQFYGK(MSE)DNQK(MSE)LDLVRASSTKI
DFDPTLLPT(MSE)NSNPATYQGKRKNLVILLQESLGAQFVGSLGGLPLTPNLDEL(MSE)QEGWQFTQ(MSE)YATGTR
SVRGIEAVTTGFPPSPSRAVVKLSKSQTGFFTIADLLKEQGYHTQFIYGGEANFDN(MSE)KTFFFGNGFDQIVEEKNYT
NPGFVGSWGVSDEDLYNKADEEFERLSKGDKPFFSLVFTSSNHSPYEYPEGKIEQYDSEH(MSE)TRNNAVKYSDYALGT
FFDKAKKSSYWDDTIFIVIADHDARVFGANLVPVKHFHIPALIIGKDIQPRKDDRIANNID(MSE)PPTLLSLIGVDAKT
P(MSE)IGRDLTKPLAREDERA(MSE)(MSE)QYDKNFGYLTRDNLVVLSPGEKVST(MSE)EYDFESQT(MSE)KPLEV
DESVIDRAKANALFASKAYQNNWYSSKRTN
;
_entity_poly.pdbx_strand_id   A,B
#
# COMPACT_ATOMS: atom_id res chain seq x y z
N SER A 40 4.06 -22.43 10.62
CA SER A 40 3.37 -23.68 11.04
C SER A 40 2.86 -23.58 12.48
N ALA A 41 1.56 -23.81 12.66
CA ALA A 41 0.92 -23.66 13.97
C ALA A 41 1.36 -24.74 14.97
N GLU A 42 1.71 -25.91 14.46
CA GLU A 42 2.27 -26.98 15.29
C GLU A 42 3.47 -26.50 16.12
N GLN A 43 4.35 -25.72 15.48
CA GLN A 43 5.58 -25.21 16.11
C GLN A 43 5.32 -24.26 17.28
N PHE A 44 4.18 -23.57 17.29
CA PHE A 44 3.89 -22.55 18.31
C PHE A 44 3.08 -23.07 19.48
N TYR A 45 2.10 -23.93 19.19
CA TYR A 45 1.06 -24.30 20.15
C TYR A 45 1.15 -25.73 20.65
N GLY A 46 1.99 -26.53 20.01
CA GLY A 46 2.12 -27.94 20.33
C GLY A 46 1.47 -28.85 19.29
N LYS A 47 1.87 -30.11 19.31
CA LYS A 47 1.35 -31.12 18.39
C LYS A 47 -0.04 -31.60 18.83
N ASP A 49 -2.78 -35.01 17.28
CA ASP A 49 -3.09 -36.00 16.25
C ASP A 49 -4.19 -35.46 15.34
N ASN A 50 -4.01 -35.67 14.03
CA ASN A 50 -4.97 -35.20 13.05
C ASN A 50 -6.40 -35.61 13.37
N GLN A 51 -6.55 -36.87 13.79
CA GLN A 51 -7.85 -37.43 14.15
C GLN A 51 -8.50 -36.69 15.31
N LYS A 52 -7.80 -36.63 16.45
CA LYS A 52 -8.29 -35.90 17.62
C LYS A 52 -8.65 -34.44 17.27
N LEU A 54 -9.26 -32.98 14.14
CA LEU A 54 -10.41 -32.90 13.24
C LEU A 54 -11.74 -33.17 13.95
N ASP A 55 -11.73 -34.14 14.87
CA ASP A 55 -12.95 -34.48 15.59
C ASP A 55 -13.44 -33.31 16.42
N LEU A 56 -12.52 -32.65 17.12
CA LEU A 56 -12.87 -31.53 17.96
C LEU A 56 -13.28 -30.32 17.12
N VAL A 57 -12.68 -30.17 15.94
CA VAL A 57 -13.03 -29.08 15.01
C VAL A 57 -14.45 -29.31 14.46
N ARG A 58 -14.69 -30.50 13.93
CA ARG A 58 -16.02 -30.85 13.41
C ARG A 58 -17.12 -30.76 14.48
N ALA A 59 -16.90 -31.37 15.65
CA ALA A 59 -17.87 -31.29 16.74
C ALA A 59 -18.13 -29.85 17.19
N SER A 60 -17.07 -29.09 17.46
CA SER A 60 -17.24 -27.71 17.89
C SER A 60 -17.84 -26.80 16.80
N SER A 61 -17.73 -27.20 15.53
CA SER A 61 -18.30 -26.42 14.43
C SER A 61 -19.85 -26.35 14.47
N THR A 62 -20.49 -27.45 14.87
CA THR A 62 -21.96 -27.65 14.83
C THR A 62 -22.50 -27.93 13.42
N LYS A 63 -21.61 -28.02 12.44
CA LYS A 63 -21.99 -28.40 11.09
C LYS A 63 -22.50 -29.85 11.07
N ILE A 64 -23.30 -30.20 10.06
CA ILE A 64 -23.87 -31.52 9.97
C ILE A 64 -23.70 -32.08 8.55
N ASP A 65 -23.93 -33.38 8.39
CA ASP A 65 -23.80 -34.09 7.11
C ASP A 65 -22.39 -33.97 6.53
N PHE A 66 -21.39 -34.32 7.34
CA PHE A 66 -19.99 -34.29 6.92
C PHE A 66 -19.68 -35.42 5.93
N ASP A 67 -18.75 -35.18 5.01
CA ASP A 67 -18.33 -36.18 4.03
C ASP A 67 -16.82 -36.09 3.83
N PRO A 68 -16.04 -36.75 4.71
CA PRO A 68 -14.60 -36.56 4.75
C PRO A 68 -13.81 -37.30 3.66
N THR A 69 -14.52 -37.96 2.75
CA THR A 69 -13.89 -38.67 1.63
C THR A 69 -13.33 -37.69 0.60
N LEU A 70 -14.10 -36.62 0.33
CA LEU A 70 -13.66 -35.58 -0.59
C LEU A 70 -12.68 -34.66 0.15
N LEU A 71 -13.19 -33.93 1.15
CA LEU A 71 -12.40 -33.11 2.09
C LEU A 71 -12.88 -33.34 3.53
N PRO A 72 -11.96 -33.36 4.52
CA PRO A 72 -12.25 -33.69 5.92
C PRO A 72 -13.36 -32.89 6.64
N THR A 73 -13.60 -31.65 6.24
CA THR A 73 -14.70 -30.88 6.83
C THR A 73 -15.80 -30.55 5.82
N ASN A 75 -19.17 -30.44 4.21
CA ASN A 75 -20.48 -30.62 4.84
C ASN A 75 -21.59 -30.01 4.00
N SER A 76 -22.77 -30.61 4.09
CA SER A 76 -23.92 -30.10 3.36
C SER A 76 -24.82 -29.31 4.27
N ASN A 77 -25.15 -28.10 3.83
CA ASN A 77 -26.06 -27.25 4.56
C ASN A 77 -27.11 -26.69 3.60
N PRO A 78 -28.38 -27.12 3.74
CA PRO A 78 -29.40 -26.53 2.89
C PRO A 78 -29.75 -25.11 3.34
N ALA A 79 -29.98 -24.23 2.37
CA ALA A 79 -30.31 -22.84 2.64
C ALA A 79 -31.65 -22.72 3.36
N THR A 80 -31.72 -21.79 4.31
CA THR A 80 -32.96 -21.43 5.00
C THR A 80 -33.93 -20.82 4.00
N TYR A 81 -33.51 -19.79 3.30
CA TYR A 81 -34.34 -19.18 2.27
C TYR A 81 -34.47 -20.13 1.08
N GLN A 82 -35.68 -20.29 0.56
CA GLN A 82 -35.94 -21.26 -0.51
C GLN A 82 -36.63 -20.68 -1.76
N GLY A 83 -36.80 -19.36 -1.80
CA GLY A 83 -37.33 -18.69 -2.99
C GLY A 83 -36.24 -18.46 -4.03
N LYS A 84 -36.57 -17.72 -5.09
CA LYS A 84 -35.60 -17.44 -6.16
C LYS A 84 -34.33 -16.85 -5.55
N ARG A 85 -33.17 -17.35 -5.99
CA ARG A 85 -31.86 -16.97 -5.42
C ARG A 85 -31.71 -15.45 -5.40
N LYS A 86 -31.25 -14.92 -4.27
CA LYS A 86 -31.04 -13.47 -4.17
C LYS A 86 -29.61 -13.07 -4.59
N ASN A 87 -29.45 -11.83 -5.01
CA ASN A 87 -28.14 -11.23 -5.20
C ASN A 87 -27.45 -11.08 -3.84
N LEU A 88 -26.13 -11.08 -3.83
CA LEU A 88 -25.39 -10.89 -2.59
C LEU A 88 -24.32 -9.78 -2.66
N VAL A 89 -24.51 -8.76 -1.83
CA VAL A 89 -23.60 -7.61 -1.81
C VAL A 89 -22.93 -7.56 -0.43
N ILE A 90 -21.60 -7.70 -0.44
CA ILE A 90 -20.81 -7.55 0.77
C ILE A 90 -20.10 -6.19 0.76
N LEU A 91 -20.41 -5.36 1.76
CA LEU A 91 -19.84 -4.01 1.83
C LEU A 91 -18.84 -4.04 2.97
N LEU A 92 -17.59 -4.41 2.62
CA LEU A 92 -16.53 -4.60 3.60
C LEU A 92 -15.94 -3.26 4.04
N GLN A 93 -15.90 -3.04 5.34
CA GLN A 93 -15.58 -1.74 5.89
C GLN A 93 -14.17 -1.75 6.45
N GLU A 94 -13.26 -1.08 5.73
CA GLU A 94 -11.88 -0.95 6.15
C GLU A 94 -11.76 -0.37 7.56
N SER A 95 -11.15 -1.17 8.44
CA SER A 95 -10.80 -0.76 9.81
C SER A 95 -11.95 -0.26 10.68
N LEU A 96 -13.18 -0.62 10.32
CA LEU A 96 -14.35 -0.16 11.07
C LEU A 96 -14.57 -0.98 12.35
N GLY A 97 -13.77 -0.71 13.37
CA GLY A 97 -13.93 -1.37 14.66
C GLY A 97 -15.15 -0.87 15.40
N ALA A 98 -15.61 -1.66 16.36
CA ALA A 98 -16.78 -1.33 17.18
C ALA A 98 -16.56 -0.07 18.01
N GLN A 99 -15.29 0.22 18.34
CA GLN A 99 -14.92 1.43 19.07
C GLN A 99 -15.36 2.72 18.34
N PHE A 100 -15.56 2.62 17.03
CA PHE A 100 -15.98 3.76 16.22
C PHE A 100 -17.47 3.74 15.90
N VAL A 101 -18.21 2.80 16.51
CA VAL A 101 -19.65 2.66 16.22
C VAL A 101 -20.55 3.09 17.39
N GLY A 102 -21.31 4.16 17.18
CA GLY A 102 -22.24 4.68 18.18
C GLY A 102 -23.21 3.63 18.71
N SER A 103 -23.89 2.94 17.79
CA SER A 103 -24.89 1.92 18.18
C SER A 103 -24.28 0.74 18.93
N LEU A 104 -22.95 0.60 18.87
CA LEU A 104 -22.25 -0.46 19.60
C LEU A 104 -21.51 0.07 20.83
N GLY A 105 -21.86 1.29 21.24
CA GLY A 105 -21.34 1.87 22.47
C GLY A 105 -20.14 2.80 22.34
N GLY A 106 -19.44 2.72 21.22
CA GLY A 106 -18.23 3.53 20.98
C GLY A 106 -18.53 4.99 20.66
N LEU A 107 -17.57 5.64 20.01
CA LEU A 107 -17.64 7.07 19.69
C LEU A 107 -18.76 7.37 18.69
N PRO A 108 -19.44 8.53 18.83
CA PRO A 108 -20.58 8.83 17.96
C PRO A 108 -20.13 9.16 16.53
N LEU A 109 -19.62 8.14 15.84
CA LEU A 109 -18.98 8.31 14.55
C LEU A 109 -19.76 7.72 13.38
N THR A 110 -20.82 6.99 13.67
CA THR A 110 -21.56 6.26 12.64
C THR A 110 -23.08 6.46 12.64
N PRO A 111 -23.56 7.72 12.58
CA PRO A 111 -25.02 7.93 12.66
C PRO A 111 -25.84 7.29 11.55
N ASN A 112 -25.32 7.25 10.31
CA ASN A 112 -26.02 6.57 9.23
C ASN A 112 -26.12 5.06 9.47
N LEU A 113 -25.00 4.44 9.88
CA LEU A 113 -25.00 3.00 10.17
C LEU A 113 -25.89 2.67 11.36
N ASP A 114 -25.81 3.48 12.42
CA ASP A 114 -26.62 3.30 13.63
C ASP A 114 -28.10 3.19 13.30
N GLU A 115 -28.56 4.07 12.40
CA GLU A 115 -29.94 4.12 11.97
C GLU A 115 -30.30 2.86 11.18
N LEU A 116 -29.43 2.49 10.25
CA LEU A 116 -29.60 1.27 9.44
C LEU A 116 -29.57 -0.02 10.27
N GLN A 118 -30.99 -0.46 13.20
CA GLN A 118 -32.34 -0.67 13.69
C GLN A 118 -33.20 -1.33 12.60
N GLU A 119 -32.81 -1.10 11.34
CA GLU A 119 -33.59 -1.57 10.21
C GLU A 119 -33.29 -3.02 9.81
N GLY A 120 -32.37 -3.68 10.50
CA GLY A 120 -32.02 -5.05 10.13
C GLY A 120 -31.47 -6.01 11.18
N TRP A 121 -30.78 -7.02 10.69
CA TRP A 121 -30.15 -8.05 11.53
C TRP A 121 -28.76 -7.57 11.99
N GLN A 122 -28.71 -7.08 13.22
CA GLN A 122 -27.53 -6.44 13.80
C GLN A 122 -26.86 -7.45 14.70
N PHE A 123 -25.55 -7.61 14.56
CA PHE A 123 -24.82 -8.56 15.42
C PHE A 123 -24.02 -7.77 16.44
N THR A 124 -24.31 -7.97 17.72
CA THR A 124 -23.70 -7.14 18.75
C THR A 124 -22.49 -7.81 19.37
N GLN A 125 -22.27 -9.06 19.00
CA GLN A 125 -21.13 -9.84 19.48
C GLN A 125 -20.36 -10.51 18.34
N TYR A 127 -17.04 -10.87 15.95
CA TYR A 127 -15.58 -10.71 16.03
C TYR A 127 -14.86 -11.09 14.76
N ALA A 128 -13.91 -10.26 14.38
CA ALA A 128 -13.00 -10.59 13.29
C ALA A 128 -12.09 -11.70 13.77
N THR A 129 -11.67 -12.57 12.86
CA THR A 129 -10.67 -13.61 13.16
C THR A 129 -9.25 -13.05 13.14
N GLY A 130 -9.08 -11.87 12.52
CA GLY A 130 -7.76 -11.23 12.43
C GLY A 130 -7.69 -9.73 12.66
N THR A 131 -6.50 -9.19 12.36
CA THR A 131 -6.21 -7.76 12.48
C THR A 131 -5.86 -7.09 11.16
N ARG A 132 -5.75 -7.88 10.09
CA ARG A 132 -5.31 -7.35 8.81
C ARG A 132 -6.40 -7.48 7.75
N SER A 133 -6.37 -6.55 6.80
CA SER A 133 -7.36 -6.51 5.74
C SER A 133 -7.50 -7.83 4.99
N VAL A 134 -6.38 -8.45 4.58
CA VAL A 134 -6.47 -9.70 3.84
C VAL A 134 -7.14 -10.81 4.65
N ARG A 135 -7.00 -10.78 5.98
CA ARG A 135 -7.67 -11.81 6.82
C ARG A 135 -9.18 -11.57 6.89
N GLY A 136 -9.59 -10.31 6.86
CA GLY A 136 -11.03 -10.00 6.74
C GLY A 136 -11.62 -10.40 5.40
N ILE A 137 -10.83 -10.25 4.34
CA ILE A 137 -11.22 -10.76 3.00
C ILE A 137 -11.27 -12.29 3.02
N GLU A 138 -10.24 -12.92 3.60
CA GLU A 138 -10.22 -14.37 3.83
C GLU A 138 -11.52 -14.86 4.48
N ALA A 139 -11.89 -14.22 5.58
CA ALA A 139 -13.05 -14.64 6.37
C ALA A 139 -14.36 -14.54 5.62
N VAL A 140 -14.57 -13.48 4.84
CA VAL A 140 -15.89 -13.31 4.21
C VAL A 140 -15.97 -13.89 2.81
N THR A 141 -14.83 -14.24 2.22
CA THR A 141 -14.91 -14.85 0.89
C THR A 141 -14.70 -16.36 0.91
N THR A 142 -14.02 -16.84 1.95
CA THR A 142 -13.66 -18.26 2.07
C THR A 142 -14.14 -18.93 3.37
N GLY A 143 -14.29 -18.13 4.45
CA GLY A 143 -14.76 -18.70 5.72
C GLY A 143 -13.67 -19.45 6.44
N PHE A 144 -12.44 -19.35 5.92
CA PHE A 144 -11.30 -20.11 6.41
C PHE A 144 -10.85 -19.46 7.70
N PRO A 145 -10.61 -20.28 8.74
CA PRO A 145 -10.16 -19.77 10.03
C PRO A 145 -8.71 -19.30 9.95
N PRO A 146 -8.22 -18.68 11.03
CA PRO A 146 -6.90 -18.03 11.06
C PRO A 146 -5.75 -18.96 11.42
N SER A 147 -4.54 -18.53 11.10
CA SER A 147 -3.32 -19.23 11.51
C SER A 147 -2.34 -18.18 11.97
N PRO A 148 -1.18 -18.59 12.51
CA PRO A 148 -0.09 -17.65 12.81
C PRO A 148 0.55 -17.11 11.55
N SER A 149 0.20 -17.69 10.41
CA SER A 149 0.70 -17.24 9.12
C SER A 149 -0.18 -16.15 8.55
N ARG A 150 0.20 -15.67 7.38
CA ARG A 150 -0.60 -14.67 6.67
C ARG A 150 -1.88 -15.33 6.16
N ALA A 151 -2.95 -14.54 6.02
CA ALA A 151 -4.15 -15.00 5.33
C ALA A 151 -3.82 -15.61 3.95
N VAL A 152 -4.67 -16.53 3.50
CA VAL A 152 -4.47 -17.26 2.24
C VAL A 152 -4.52 -16.37 1.00
N VAL A 153 -4.94 -15.12 1.16
CA VAL A 153 -4.89 -14.16 0.05
C VAL A 153 -3.44 -13.99 -0.41
N LYS A 154 -2.51 -14.18 0.53
CA LYS A 154 -1.09 -13.99 0.27
C LYS A 154 -0.27 -15.29 0.28
N LEU A 155 -0.92 -16.44 0.42
CA LEU A 155 -0.17 -17.69 0.45
C LEU A 155 -0.14 -18.33 -0.94
N SER A 156 0.96 -18.98 -1.27
CA SER A 156 1.19 -19.46 -2.64
C SER A 156 0.30 -20.64 -3.07
N LYS A 157 0.01 -21.54 -2.14
CA LYS A 157 -0.85 -22.70 -2.45
C LYS A 157 -2.32 -22.34 -2.64
N SER A 158 -2.75 -21.21 -2.06
CA SER A 158 -4.16 -20.78 -2.14
C SER A 158 -4.47 -19.84 -3.31
N GLN A 159 -3.54 -19.72 -4.26
CA GLN A 159 -3.69 -18.76 -5.36
C GLN A 159 -4.62 -19.25 -6.46
N THR A 160 -4.87 -20.55 -6.46
CA THR A 160 -5.73 -21.18 -7.47
C THR A 160 -6.47 -22.36 -6.86
N GLY A 161 -7.72 -22.54 -7.27
CA GLY A 161 -8.55 -23.64 -6.79
C GLY A 161 -8.71 -23.78 -5.28
N PHE A 162 -8.58 -22.67 -4.54
CA PHE A 162 -8.90 -22.68 -3.11
C PHE A 162 -10.41 -22.47 -2.99
N PHE A 163 -11.02 -22.97 -1.93
CA PHE A 163 -12.45 -22.74 -1.77
C PHE A 163 -12.79 -21.27 -1.49
N THR A 164 -13.68 -20.72 -2.33
CA THR A 164 -14.28 -19.40 -2.10
C THR A 164 -15.78 -19.48 -2.45
N ILE A 165 -16.60 -18.63 -1.81
CA ILE A 165 -18.00 -18.52 -2.20
C ILE A 165 -18.14 -17.85 -3.57
N ALA A 166 -17.08 -17.15 -4.00
CA ALA A 166 -17.03 -16.58 -5.33
C ALA A 166 -17.14 -17.66 -6.38
N ASP A 167 -16.26 -18.66 -6.31
CA ASP A 167 -16.32 -19.69 -7.35
CA ASP A 167 -16.23 -19.78 -7.25
C ASP A 167 -17.49 -20.65 -7.15
N LEU A 168 -17.98 -20.79 -5.93
CA LEU A 168 -19.19 -21.59 -5.68
C LEU A 168 -20.36 -20.94 -6.39
N LEU A 169 -20.56 -19.64 -6.15
CA LEU A 169 -21.64 -18.90 -6.79
C LEU A 169 -21.48 -18.83 -8.31
N LYS A 170 -20.24 -18.68 -8.79
CA LYS A 170 -19.93 -18.70 -10.22
C LYS A 170 -20.34 -20.03 -10.84
N GLU A 171 -19.84 -21.12 -10.27
CA GLU A 171 -20.24 -22.47 -10.68
C GLU A 171 -21.78 -22.65 -10.66
N GLN A 172 -22.44 -21.96 -9.73
CA GLN A 172 -23.90 -21.97 -9.60
C GLN A 172 -24.63 -20.99 -10.51
N GLY A 173 -23.91 -20.33 -11.42
CA GLY A 173 -24.52 -19.43 -12.41
C GLY A 173 -24.53 -17.94 -12.10
N TYR A 174 -23.79 -17.54 -11.05
CA TYR A 174 -23.67 -16.13 -10.67
C TYR A 174 -22.55 -15.39 -11.42
N HIS A 175 -22.76 -14.11 -11.67
CA HIS A 175 -21.67 -13.24 -12.04
C HIS A 175 -21.01 -12.83 -10.72
N THR A 176 -19.68 -12.83 -10.69
CA THR A 176 -18.96 -12.50 -9.45
C THR A 176 -17.97 -11.37 -9.69
N GLN A 177 -17.95 -10.41 -8.76
CA GLN A 177 -17.14 -9.21 -8.92
C GLN A 177 -16.58 -8.70 -7.61
N PHE A 178 -15.54 -7.88 -7.73
CA PHE A 178 -14.93 -7.19 -6.62
C PHE A 178 -14.89 -5.72 -7.01
N ILE A 179 -15.45 -4.86 -6.17
CA ILE A 179 -15.35 -3.43 -6.43
C ILE A 179 -14.46 -2.79 -5.36
N TYR A 180 -13.45 -2.07 -5.83
CA TYR A 180 -12.45 -1.42 -5.00
C TYR A 180 -12.15 -0.02 -5.57
N GLY A 181 -11.77 0.91 -4.70
CA GLY A 181 -11.44 2.27 -5.11
C GLY A 181 -9.99 2.54 -5.54
N GLY A 182 -9.06 1.73 -5.04
CA GLY A 182 -7.64 1.86 -5.33
C GLY A 182 -7.13 0.85 -6.34
N GLU A 183 -5.87 0.45 -6.19
CA GLU A 183 -5.26 -0.53 -7.08
C GLU A 183 -5.48 -1.93 -6.53
N ALA A 184 -6.11 -2.77 -7.34
CA ALA A 184 -6.52 -4.12 -6.92
C ALA A 184 -5.38 -5.13 -6.73
N ASN A 185 -4.21 -4.86 -7.29
CA ASN A 185 -3.02 -5.69 -7.09
C ASN A 185 -2.49 -5.59 -5.67
N PHE A 186 -2.90 -4.51 -4.98
CA PHE A 186 -2.49 -4.25 -3.61
C PHE A 186 -2.88 -5.41 -2.70
N ASP A 187 -2.00 -5.76 -1.75
CA ASP A 187 -2.20 -6.93 -0.88
C ASP A 187 -2.50 -8.22 -1.66
N ASN A 188 -2.08 -8.29 -2.92
CA ASN A 188 -2.25 -9.50 -3.74
C ASN A 188 -3.72 -9.87 -4.04
N LYS A 190 -6.14 -8.86 -6.34
CA LYS A 190 -6.54 -9.15 -7.72
C LYS A 190 -6.16 -10.56 -8.15
N THR A 191 -4.94 -10.96 -7.83
CA THR A 191 -4.42 -12.28 -8.19
C THR A 191 -5.17 -13.39 -7.46
N PHE A 192 -5.37 -13.21 -6.16
CA PHE A 192 -6.17 -14.18 -5.40
C PHE A 192 -7.62 -14.24 -5.89
N PHE A 193 -8.20 -13.10 -6.23
CA PHE A 193 -9.62 -13.08 -6.60
C PHE A 193 -9.79 -13.70 -7.98
N PHE A 194 -8.94 -13.30 -8.94
CA PHE A 194 -8.95 -13.83 -10.30
C PHE A 194 -8.65 -15.33 -10.38
N GLY A 195 -7.73 -15.79 -9.54
CA GLY A 195 -7.41 -17.21 -9.46
C GLY A 195 -8.49 -18.04 -8.77
N ASN A 196 -9.43 -17.38 -8.09
CA ASN A 196 -10.42 -18.09 -7.28
C ASN A 196 -11.89 -17.69 -7.44
N GLY A 197 -12.36 -17.59 -8.70
CA GLY A 197 -13.79 -17.50 -8.95
C GLY A 197 -14.40 -16.14 -9.24
N PHE A 198 -13.62 -15.07 -9.12
CA PHE A 198 -14.10 -13.75 -9.50
C PHE A 198 -13.98 -13.55 -11.01
N ASP A 199 -15.07 -13.04 -11.62
CA ASP A 199 -15.13 -12.80 -13.06
C ASP A 199 -14.55 -11.43 -13.40
N GLN A 200 -15.19 -10.40 -12.88
CA GLN A 200 -14.87 -9.01 -13.16
C GLN A 200 -14.17 -8.40 -11.93
N ILE A 201 -13.19 -7.54 -12.17
CA ILE A 201 -12.63 -6.70 -11.13
C ILE A 201 -12.72 -5.25 -11.57
N VAL A 202 -13.38 -4.46 -10.74
CA VAL A 202 -13.56 -3.04 -10.95
C VAL A 202 -12.61 -2.36 -9.99
N GLU A 203 -11.69 -1.56 -10.53
CA GLU A 203 -10.72 -0.86 -9.68
C GLU A 203 -10.49 0.58 -10.15
N GLU A 204 -9.47 1.24 -9.59
CA GLU A 204 -9.27 2.67 -9.83
C GLU A 204 -9.30 3.09 -11.31
N LYS A 205 -8.67 2.28 -12.16
CA LYS A 205 -8.59 2.54 -13.60
C LYS A 205 -9.95 2.61 -14.30
N ASN A 206 -11.00 2.11 -13.64
CA ASN A 206 -12.37 2.06 -14.18
C ASN A 206 -13.30 3.22 -13.75
N TYR A 207 -12.80 4.13 -12.91
CA TYR A 207 -13.60 5.29 -12.47
C TYR A 207 -13.42 6.53 -13.36
N THR A 208 -14.47 6.88 -14.08
CA THR A 208 -14.41 7.96 -15.05
C THR A 208 -14.23 9.35 -14.44
N ASN A 209 -15.09 9.74 -13.48
CA ASN A 209 -15.06 11.12 -12.95
C ASN A 209 -15.29 11.26 -11.45
N PRO A 210 -14.33 10.81 -10.63
CA PRO A 210 -14.54 10.77 -9.19
C PRO A 210 -14.50 12.14 -8.53
N GLY A 211 -15.45 12.40 -7.62
CA GLY A 211 -15.50 13.63 -6.84
C GLY A 211 -14.21 13.93 -6.10
N PHE A 212 -13.49 12.87 -5.71
CA PHE A 212 -12.26 12.99 -4.89
C PHE A 212 -11.37 11.77 -5.02
N VAL A 213 -10.06 12.01 -5.14
CA VAL A 213 -9.06 10.93 -5.20
C VAL A 213 -7.96 11.19 -4.17
N GLY A 214 -7.68 10.18 -3.35
CA GLY A 214 -6.59 10.21 -2.37
C GLY A 214 -5.52 9.18 -2.64
N SER A 215 -4.59 9.01 -1.70
CA SER A 215 -3.44 8.10 -1.86
C SER A 215 -3.87 6.64 -2.01
N TRP A 216 -5.03 6.32 -1.48
CA TRP A 216 -5.52 4.96 -1.49
C TRP A 216 -6.54 4.74 -2.61
N GLY A 217 -6.79 5.82 -3.37
CA GLY A 217 -7.71 5.78 -4.52
C GLY A 217 -8.89 6.71 -4.38
N VAL A 218 -9.99 6.40 -5.07
CA VAL A 218 -11.22 7.23 -4.98
C VAL A 218 -11.87 7.15 -3.59
N SER A 219 -12.53 8.24 -3.20
CA SER A 219 -13.24 8.29 -1.92
C SER A 219 -14.33 7.22 -1.86
N ASP A 220 -14.84 6.94 -0.66
CA ASP A 220 -15.85 5.90 -0.49
C ASP A 220 -17.19 6.28 -1.13
N GLU A 221 -17.53 7.56 -1.18
CA GLU A 221 -18.74 7.99 -1.93
C GLU A 221 -18.65 7.63 -3.42
N ASP A 222 -17.49 7.87 -4.04
CA ASP A 222 -17.27 7.47 -5.44
C ASP A 222 -17.32 5.95 -5.60
N LEU A 223 -16.74 5.24 -4.65
CA LEU A 223 -16.82 3.77 -4.61
C LEU A 223 -18.29 3.31 -4.60
N TYR A 224 -19.07 3.95 -3.74
CA TYR A 224 -20.45 3.61 -3.53
C TYR A 224 -21.38 4.05 -4.67
N ASN A 225 -21.03 5.14 -5.37
CA ASN A 225 -21.76 5.51 -6.59
C ASN A 225 -21.50 4.45 -7.67
N LYS A 226 -20.26 3.98 -7.72
CA LYS A 226 -19.84 2.98 -8.70
C LYS A 226 -20.53 1.66 -8.44
N ALA A 227 -20.73 1.34 -7.17
CA ALA A 227 -21.39 0.12 -6.76
C ALA A 227 -22.82 0.17 -7.28
N ASP A 228 -23.56 1.17 -6.80
CA ASP A 228 -24.94 1.47 -7.24
C ASP A 228 -25.12 1.45 -8.77
N GLU A 229 -24.09 1.91 -9.48
CA GLU A 229 -24.04 1.88 -10.96
C GLU A 229 -23.95 0.45 -11.48
N GLU A 230 -23.07 -0.33 -10.87
CA GLU A 230 -22.78 -1.70 -11.30
C GLU A 230 -23.94 -2.63 -10.98
N PHE A 231 -24.65 -2.33 -9.90
CA PHE A 231 -25.72 -3.18 -9.41
C PHE A 231 -26.96 -2.93 -10.24
N GLU A 232 -27.27 -1.66 -10.49
CA GLU A 232 -28.41 -1.31 -11.35
C GLU A 232 -28.18 -1.77 -12.79
N ARG A 233 -26.90 -1.91 -13.14
CA ARG A 233 -26.48 -2.49 -14.41
C ARG A 233 -26.73 -4.00 -14.41
N LEU A 234 -26.11 -4.70 -13.46
CA LEU A 234 -26.23 -6.17 -13.39
C LEU A 234 -27.68 -6.65 -13.23
N SER A 235 -28.49 -5.86 -12.55
CA SER A 235 -29.89 -6.21 -12.29
C SER A 235 -30.75 -6.17 -13.55
N LYS A 236 -30.28 -5.47 -14.58
CA LYS A 236 -30.92 -5.49 -15.89
C LYS A 236 -30.60 -6.82 -16.60
N GLY A 237 -29.47 -7.42 -16.26
CA GLY A 237 -29.03 -8.70 -16.85
C GLY A 237 -29.79 -9.88 -16.28
N ASP A 238 -29.57 -11.07 -16.87
CA ASP A 238 -30.27 -12.28 -16.46
C ASP A 238 -29.73 -12.91 -15.16
N LYS A 239 -28.49 -12.58 -14.81
CA LYS A 239 -27.77 -13.30 -13.75
C LYS A 239 -27.94 -12.75 -12.35
N PRO A 240 -28.02 -13.64 -11.36
CA PRO A 240 -27.79 -13.23 -9.99
C PRO A 240 -26.30 -12.87 -9.87
N PHE A 241 -26.00 -11.82 -9.11
CA PHE A 241 -24.61 -11.41 -8.93
C PHE A 241 -24.16 -11.46 -7.48
N PHE A 242 -22.86 -11.69 -7.28
CA PHE A 242 -22.21 -11.62 -5.98
C PHE A 242 -21.13 -10.54 -6.07
N SER A 243 -21.26 -9.52 -5.23
CA SER A 243 -20.34 -8.39 -5.24
C SER A 243 -19.66 -8.15 -3.89
N LEU A 244 -18.33 -8.14 -3.91
CA LEU A 244 -17.53 -7.70 -2.77
C LEU A 244 -17.05 -6.27 -3.02
N VAL A 245 -17.44 -5.36 -2.14
CA VAL A 245 -17.13 -3.93 -2.25
C VAL A 245 -16.33 -3.56 -1.01
N PHE A 246 -15.15 -2.98 -1.19
CA PHE A 246 -14.21 -2.78 -0.10
C PHE A 246 -13.80 -1.33 0.00
N THR A 247 -14.09 -0.69 1.13
CA THR A 247 -13.74 0.73 1.35
C THR A 247 -12.24 0.95 1.46
N SER A 248 -11.81 2.19 1.22
CA SER A 248 -10.40 2.62 1.17
C SER A 248 -10.11 3.95 1.85
N SER A 249 -11.12 4.79 2.02
CA SER A 249 -10.87 6.14 2.58
C SER A 249 -10.20 6.13 3.93
N ASN A 250 -10.64 5.22 4.79
CA ASN A 250 -10.09 5.11 6.15
C ASN A 250 -8.71 4.46 6.20
N HIS A 251 -7.71 5.20 5.70
CA HIS A 251 -6.29 4.85 5.77
C HIS A 251 -5.53 6.15 5.96
N SER A 252 -4.47 6.11 6.75
CA SER A 252 -3.55 7.25 6.88
C SER A 252 -3.03 7.56 5.49
N PRO A 253 -2.94 8.86 5.13
CA PRO A 253 -3.10 10.06 5.96
C PRO A 253 -4.51 10.62 6.13
N TYR A 254 -5.53 9.88 5.66
CA TYR A 254 -6.96 10.19 5.92
C TYR A 254 -7.53 11.32 5.05
N GLU A 255 -7.26 11.24 3.74
CA GLU A 255 -7.77 12.21 2.78
C GLU A 255 -9.22 11.86 2.49
N TYR A 256 -10.08 12.89 2.53
CA TYR A 256 -11.49 12.79 2.18
C TYR A 256 -12.05 14.20 1.91
N PRO A 257 -13.11 14.32 1.09
CA PRO A 257 -13.79 15.60 0.78
C PRO A 257 -14.15 16.46 2.00
N GLU A 258 -14.13 17.78 1.82
CA GLU A 258 -14.54 18.74 2.85
C GLU A 258 -16.06 19.01 2.80
N GLY A 259 -16.59 19.59 3.89
CA GLY A 259 -18.01 19.96 3.99
C GLY A 259 -19.03 18.85 3.78
N LYS A 260 -18.70 17.64 4.20
CA LYS A 260 -19.61 16.50 4.03
C LYS A 260 -20.12 15.94 5.37
N ILE A 261 -19.39 16.22 6.45
CA ILE A 261 -19.84 15.94 7.80
C ILE A 261 -19.49 17.07 8.74
N GLU A 262 -20.24 17.19 9.82
CA GLU A 262 -19.77 17.96 10.96
C GLU A 262 -18.64 17.09 11.51
N GLN A 263 -17.40 17.53 11.31
CA GLN A 263 -16.23 16.75 11.69
C GLN A 263 -16.22 16.51 13.21
N TYR A 264 -15.73 15.35 13.63
CA TYR A 264 -15.66 15.04 15.06
C TYR A 264 -14.42 15.66 15.71
N ASP A 265 -13.30 15.67 14.97
CA ASP A 265 -12.08 16.31 15.43
C ASP A 265 -11.89 17.66 14.76
N SER A 266 -11.08 18.52 15.38
CA SER A 266 -10.75 19.85 14.87
C SER A 266 -9.95 19.75 13.56
N GLU A 267 -8.94 18.87 13.54
CA GLU A 267 -8.14 18.62 12.33
C GLU A 267 -8.97 17.81 11.32
N HIS A 268 -8.93 18.23 10.05
CA HIS A 268 -9.71 17.57 8.99
C HIS A 268 -9.29 16.11 8.71
N THR A 270 -8.12 13.07 10.14
CA THR A 270 -7.96 12.14 11.27
C THR A 270 -8.68 10.83 10.99
N ARG A 271 -8.38 9.81 11.79
CA ARG A 271 -9.07 8.53 11.70
C ARG A 271 -10.55 8.69 12.01
N ASN A 272 -10.86 9.31 13.13
CA ASN A 272 -12.26 9.51 13.54
C ASN A 272 -13.09 10.11 12.41
N ASN A 273 -12.58 11.19 11.82
CA ASN A 273 -13.28 11.90 10.75
C ASN A 273 -13.41 11.07 9.48
N ALA A 274 -12.35 10.34 9.12
CA ALA A 274 -12.40 9.41 7.98
C ALA A 274 -13.47 8.33 8.17
N VAL A 275 -13.57 7.78 9.38
CA VAL A 275 -14.66 6.87 9.73
C VAL A 275 -16.02 7.58 9.52
N LYS A 276 -16.16 8.77 10.10
CA LYS A 276 -17.40 9.52 9.97
C LYS A 276 -17.70 9.86 8.50
N TYR A 277 -16.66 10.20 7.73
CA TYR A 277 -16.83 10.34 6.28
C TYR A 277 -17.35 9.06 5.65
N SER A 278 -16.69 7.93 5.94
CA SER A 278 -17.10 6.63 5.41
C SER A 278 -18.55 6.28 5.77
N ASP A 279 -18.97 6.63 6.98
CA ASP A 279 -20.37 6.50 7.39
C ASP A 279 -21.31 7.33 6.52
N TYR A 280 -20.98 8.61 6.31
CA TYR A 280 -21.75 9.46 5.42
C TYR A 280 -21.81 8.83 4.04
N ALA A 281 -20.67 8.29 3.60
CA ALA A 281 -20.55 7.70 2.28
C ALA A 281 -21.43 6.47 2.15
N LEU A 282 -21.51 5.66 3.22
CA LEU A 282 -22.36 4.46 3.26
C LEU A 282 -23.84 4.85 3.18
N GLY A 283 -24.20 5.89 3.93
CA GLY A 283 -25.57 6.43 3.97
C GLY A 283 -26.05 6.85 2.59
N THR A 284 -25.16 7.49 1.83
CA THR A 284 -25.44 7.86 0.44
C THR A 284 -25.63 6.64 -0.46
N PHE A 285 -24.94 5.53 -0.17
CA PHE A 285 -25.17 4.28 -0.90
C PHE A 285 -26.57 3.74 -0.61
N PHE A 286 -26.94 3.67 0.67
CA PHE A 286 -28.24 3.10 1.05
C PHE A 286 -29.45 3.97 0.67
N ASP A 287 -29.25 5.29 0.61
CA ASP A 287 -30.30 6.20 0.16
C ASP A 287 -30.65 5.91 -1.29
N LYS A 288 -29.62 5.57 -2.06
CA LYS A 288 -29.76 5.20 -3.45
C LYS A 288 -30.26 3.77 -3.55
N ALA A 289 -29.69 2.89 -2.74
CA ALA A 289 -30.02 1.47 -2.74
C ALA A 289 -31.51 1.19 -2.51
N LYS A 290 -32.10 1.96 -1.59
CA LYS A 290 -33.48 1.76 -1.19
C LYS A 290 -34.49 2.21 -2.24
N LYS A 291 -34.06 3.04 -3.19
CA LYS A 291 -34.91 3.45 -4.30
C LYS A 291 -34.43 2.85 -5.62
N SER A 292 -33.71 1.73 -5.53
CA SER A 292 -33.04 1.09 -6.66
C SER A 292 -33.84 -0.06 -7.26
N SER A 293 -33.38 -0.57 -8.40
CA SER A 293 -34.06 -1.67 -9.09
C SER A 293 -33.57 -3.04 -8.62
N TYR A 294 -32.51 -3.05 -7.81
CA TYR A 294 -31.98 -4.29 -7.29
C TYR A 294 -32.43 -4.60 -5.85
N TRP A 295 -33.04 -3.61 -5.19
CA TRP A 295 -33.35 -3.68 -3.75
C TRP A 295 -34.19 -4.89 -3.33
N ASP A 296 -35.24 -5.16 -4.10
CA ASP A 296 -36.13 -6.30 -3.86
C ASP A 296 -35.37 -7.61 -3.82
N ASP A 297 -34.32 -7.69 -4.63
CA ASP A 297 -33.72 -8.96 -5.00
C ASP A 297 -32.36 -9.24 -4.32
N THR A 298 -32.01 -8.45 -3.30
CA THR A 298 -30.64 -8.46 -2.79
C THR A 298 -30.50 -8.47 -1.27
N ILE A 299 -29.49 -9.21 -0.80
CA ILE A 299 -29.06 -9.21 0.59
C ILE A 299 -27.75 -8.44 0.68
N PHE A 300 -27.69 -7.50 1.63
CA PHE A 300 -26.52 -6.67 1.87
C PHE A 300 -25.95 -6.99 3.24
N ILE A 301 -24.63 -7.01 3.34
CA ILE A 301 -23.99 -7.11 4.65
C ILE A 301 -23.00 -5.95 4.83
N VAL A 302 -23.14 -5.23 5.93
CA VAL A 302 -22.15 -4.21 6.29
C VAL A 302 -21.30 -4.85 7.38
N ILE A 303 -20.03 -5.08 7.09
CA ILE A 303 -19.13 -5.72 8.04
C ILE A 303 -17.70 -5.19 7.88
N ALA A 304 -17.00 -5.02 9.00
CA ALA A 304 -15.60 -4.59 8.94
C ALA A 304 -14.68 -5.76 8.57
N ASP A 305 -13.48 -5.42 8.12
CA ASP A 305 -12.44 -6.43 7.88
C ASP A 305 -11.66 -6.71 9.16
N HIS A 306 -11.65 -5.73 10.07
CA HIS A 306 -10.97 -5.79 11.37
C HIS A 306 -11.14 -4.43 12.07
N ASP A 307 -10.78 -4.35 13.34
CA ASP A 307 -10.73 -3.08 14.07
C ASP A 307 -9.45 -2.37 13.64
N ALA A 308 -9.40 -1.05 13.85
CA ALA A 308 -8.15 -0.33 13.73
C ALA A 308 -7.10 -1.03 14.58
N ARG A 309 -5.95 -1.32 13.97
CA ARG A 309 -4.84 -2.02 14.62
C ARG A 309 -4.46 -1.43 15.99
N VAL A 310 -4.21 -2.30 16.95
CA VAL A 310 -3.52 -1.91 18.18
C VAL A 310 -2.20 -2.68 18.18
N PHE A 311 -1.15 -2.06 18.75
CA PHE A 311 0.20 -2.61 18.74
C PHE A 311 0.73 -2.86 20.15
N GLY A 312 1.54 -3.90 20.28
CA GLY A 312 2.16 -4.25 21.56
C GLY A 312 1.14 -4.53 22.66
N ALA A 313 0.02 -5.12 22.26
CA ALA A 313 -0.99 -5.59 23.20
C ALA A 313 -0.55 -6.93 23.76
N ASN A 314 -1.00 -7.24 24.97
CA ASN A 314 -0.69 -8.54 25.55
C ASN A 314 -1.78 -9.56 25.26
N LEU A 315 -1.33 -10.80 25.03
CA LEU A 315 -2.16 -11.95 24.74
C LEU A 315 -3.11 -11.68 23.56
N VAL A 316 -4.42 -11.78 23.78
CA VAL A 316 -5.38 -11.40 22.74
C VAL A 316 -6.33 -10.29 23.22
N PRO A 317 -6.18 -9.08 22.65
CA PRO A 317 -7.04 -7.95 23.03
C PRO A 317 -8.44 -8.02 22.39
N VAL A 318 -9.31 -8.78 23.04
CA VAL A 318 -10.64 -9.13 22.53
C VAL A 318 -11.43 -7.95 21.95
N LYS A 319 -11.45 -6.85 22.70
CA LYS A 319 -12.18 -5.63 22.34
C LYS A 319 -11.80 -5.17 20.94
N HIS A 320 -10.54 -5.41 20.58
CA HIS A 320 -10.02 -4.97 19.29
C HIS A 320 -10.21 -5.96 18.13
N PHE A 321 -11.02 -6.98 18.37
CA PHE A 321 -11.52 -7.83 17.28
C PHE A 321 -13.01 -7.59 17.11
N HIS A 322 -13.58 -6.80 18.01
CA HIS A 322 -15.01 -6.53 18.03
C HIS A 322 -15.39 -5.57 16.91
N ILE A 323 -16.37 -5.98 16.11
CA ILE A 323 -16.68 -5.31 14.86
C ILE A 323 -18.18 -5.27 14.66
N PRO A 324 -18.67 -4.26 13.92
CA PRO A 324 -20.08 -4.26 13.53
C PRO A 324 -20.35 -5.28 12.44
N ALA A 325 -21.57 -5.79 12.39
CA ALA A 325 -22.02 -6.59 11.28
C ALA A 325 -23.50 -6.37 11.17
N LEU A 326 -23.96 -6.13 9.96
CA LEU A 326 -25.36 -5.86 9.70
C LEU A 326 -25.79 -6.56 8.44
N ILE A 327 -26.86 -7.35 8.53
CA ILE A 327 -27.43 -7.93 7.33
C ILE A 327 -28.77 -7.21 7.13
N ILE A 328 -28.93 -6.67 5.93
CA ILE A 328 -30.07 -5.83 5.63
C ILE A 328 -30.56 -6.14 4.22
N GLY A 329 -31.86 -6.01 4.04
CA GLY A 329 -32.48 -6.31 2.76
C GLY A 329 -33.95 -6.48 2.99
N LYS A 330 -34.72 -6.38 1.91
CA LYS A 330 -36.14 -6.69 1.91
C LYS A 330 -36.36 -8.10 2.45
N ASP A 331 -37.36 -8.25 3.32
CA ASP A 331 -37.68 -9.53 3.95
C ASP A 331 -36.69 -9.93 5.06
N ILE A 332 -35.66 -9.14 5.29
CA ILE A 332 -34.84 -9.35 6.48
C ILE A 332 -35.43 -8.51 7.58
N GLN A 333 -35.89 -9.16 8.63
CA GLN A 333 -36.54 -8.45 9.72
C GLN A 333 -35.51 -7.90 10.69
N PRO A 334 -35.79 -6.71 11.27
CA PRO A 334 -34.93 -6.16 12.32
C PRO A 334 -34.74 -7.16 13.47
N ARG A 335 -33.51 -7.35 13.90
CA ARG A 335 -33.22 -8.29 14.99
C ARG A 335 -31.92 -7.85 15.67
N LYS A 336 -31.93 -7.79 17.00
CA LYS A 336 -30.68 -7.61 17.73
C LYS A 336 -30.19 -8.98 18.20
N ASP A 337 -29.12 -9.44 17.58
CA ASP A 337 -28.58 -10.81 17.74
C ASP A 337 -27.30 -10.73 18.57
N ASP A 338 -27.39 -11.20 19.81
CA ASP A 338 -26.26 -11.10 20.73
C ASP A 338 -25.40 -12.37 20.75
N ARG A 339 -25.61 -13.28 19.79
CA ARG A 339 -24.84 -14.55 19.79
C ARG A 339 -23.39 -14.33 19.36
N ILE A 340 -22.44 -14.80 20.16
CA ILE A 340 -21.03 -14.63 19.80
C ILE A 340 -20.76 -15.34 18.48
N ALA A 341 -20.16 -14.62 17.54
CA ALA A 341 -19.89 -15.13 16.21
C ALA A 341 -18.60 -14.53 15.64
N ASN A 342 -18.12 -15.11 14.55
CA ASN A 342 -16.96 -14.64 13.80
C ASN A 342 -17.42 -14.21 12.43
N ASN A 343 -16.64 -13.38 11.77
CA ASN A 343 -16.89 -13.08 10.36
C ASN A 343 -16.83 -14.30 9.42
N ILE A 344 -16.09 -15.35 9.80
CA ILE A 344 -16.13 -16.62 9.05
C ILE A 344 -17.50 -17.34 9.11
N ASP A 345 -18.39 -16.92 10.01
CA ASP A 345 -19.77 -17.43 10.05
C ASP A 345 -20.64 -16.71 9.03
N PRO A 347 -20.13 -16.11 5.62
CA PRO A 347 -20.44 -16.71 4.32
C PRO A 347 -21.48 -17.84 4.38
N PRO A 348 -21.37 -18.81 5.34
CA PRO A 348 -22.44 -19.82 5.47
C PRO A 348 -23.83 -19.21 5.76
N THR A 349 -23.87 -18.19 6.61
CA THR A 349 -25.12 -17.47 6.88
C THR A 349 -25.71 -16.81 5.61
N LEU A 350 -24.85 -16.14 4.84
CA LEU A 350 -25.31 -15.39 3.67
C LEU A 350 -25.80 -16.29 2.55
N LEU A 351 -25.08 -17.38 2.29
CA LEU A 351 -25.52 -18.39 1.30
C LEU A 351 -26.92 -18.92 1.64
N SER A 352 -27.15 -19.11 2.92
CA SER A 352 -28.40 -19.63 3.41
C SER A 352 -29.50 -18.61 3.19
N LEU A 353 -29.18 -17.34 3.39
CA LEU A 353 -30.15 -16.24 3.19
C LEU A 353 -30.50 -16.00 1.73
N ILE A 354 -29.56 -16.26 0.83
CA ILE A 354 -29.77 -15.97 -0.60
C ILE A 354 -30.38 -17.15 -1.36
N GLY A 355 -30.59 -18.25 -0.67
CA GLY A 355 -31.20 -19.44 -1.26
C GLY A 355 -30.24 -20.39 -1.96
N VAL A 356 -28.97 -20.39 -1.56
CA VAL A 356 -27.99 -21.30 -2.17
C VAL A 356 -27.60 -22.43 -1.22
N ASP A 357 -27.93 -23.66 -1.60
CA ASP A 357 -27.50 -24.85 -0.83
C ASP A 357 -25.98 -24.96 -0.90
N ALA A 358 -25.37 -25.27 0.24
CA ALA A 358 -23.93 -25.19 0.40
C ALA A 358 -23.27 -26.49 0.83
N LYS A 359 -22.69 -27.20 -0.13
CA LYS A 359 -21.83 -28.34 0.14
C LYS A 359 -20.39 -27.84 0.12
N THR A 360 -19.84 -27.49 1.28
CA THR A 360 -18.55 -26.85 1.35
C THR A 360 -17.76 -27.36 2.55
N PRO A 361 -16.44 -27.08 2.59
CA PRO A 361 -15.67 -27.44 3.76
C PRO A 361 -15.70 -26.38 4.87
N ILE A 363 -16.42 -24.40 8.15
CA ILE A 363 -16.83 -24.79 9.49
C ILE A 363 -17.57 -23.67 10.22
N GLY A 364 -17.69 -22.51 9.58
CA GLY A 364 -18.50 -21.41 10.10
C GLY A 364 -20.00 -21.75 10.12
N ARG A 365 -20.72 -21.07 11.02
CA ARG A 365 -22.10 -21.41 11.35
C ARG A 365 -23.08 -20.68 10.42
N ASP A 366 -24.14 -21.38 10.05
CA ASP A 366 -25.28 -20.78 9.37
C ASP A 366 -26.15 -20.24 10.48
N LEU A 367 -26.10 -18.93 10.67
CA LEU A 367 -26.73 -18.35 11.85
C LEU A 367 -28.21 -18.01 11.63
N THR A 368 -28.73 -18.40 10.47
CA THR A 368 -30.17 -18.35 10.23
C THR A 368 -30.84 -19.48 11.02
N LYS A 369 -30.02 -20.41 11.50
CA LYS A 369 -30.46 -21.58 12.24
C LYS A 369 -30.04 -21.46 13.70
N PRO A 370 -30.73 -22.21 14.60
CA PRO A 370 -30.47 -22.14 16.03
C PRO A 370 -29.05 -22.50 16.38
N LEU A 371 -28.55 -21.87 17.44
CA LEU A 371 -27.24 -22.15 17.92
C LEU A 371 -27.38 -22.05 19.42
N ALA A 372 -27.08 -23.16 20.10
CA ALA A 372 -27.18 -23.22 21.56
C ALA A 372 -26.17 -22.25 22.15
N ARG A 373 -26.51 -21.69 23.31
CA ARG A 373 -25.60 -20.80 24.03
C ARG A 373 -24.18 -21.34 24.22
N GLU A 374 -24.05 -22.63 24.50
CA GLU A 374 -22.73 -23.19 24.80
C GLU A 374 -21.86 -23.31 23.53
N ASP A 375 -22.51 -23.16 22.37
CA ASP A 375 -21.83 -23.20 21.08
C ASP A 375 -21.41 -21.81 20.54
N GLU A 376 -21.89 -20.74 21.17
CA GLU A 376 -21.45 -19.39 20.82
C GLU A 376 -19.94 -19.33 21.00
N ARG A 377 -19.24 -18.73 20.04
CA ARG A 377 -17.77 -18.64 20.09
C ARG A 377 -17.20 -17.66 19.09
N ALA A 378 -15.99 -17.20 19.39
CA ALA A 378 -15.20 -16.39 18.47
C ALA A 378 -13.75 -16.81 18.55
N GLN A 381 -7.07 -14.18 16.11
CA GLN A 381 -5.62 -14.29 15.99
C GLN A 381 -5.02 -12.92 16.06
N TYR A 382 -4.20 -12.69 17.08
CA TYR A 382 -3.45 -11.47 17.23
C TYR A 382 -1.97 -11.78 17.02
N ASP A 383 -1.51 -11.61 15.78
CA ASP A 383 -0.13 -12.02 15.39
C ASP A 383 0.11 -13.52 15.65
N LYS A 384 0.96 -13.82 16.62
CA LYS A 384 1.31 -15.20 16.97
C LYS A 384 0.37 -15.81 18.02
N ASN A 385 -0.53 -14.99 18.58
CA ASN A 385 -1.45 -15.48 19.61
C ASN A 385 -2.83 -15.82 19.06
N PHE A 386 -3.38 -16.95 19.52
CA PHE A 386 -4.72 -17.39 19.12
C PHE A 386 -5.62 -17.42 20.33
N GLY A 387 -6.79 -16.82 20.18
CA GLY A 387 -7.79 -16.77 21.24
C GLY A 387 -9.10 -17.43 20.87
N TYR A 388 -9.68 -18.14 21.83
CA TYR A 388 -10.98 -18.79 21.66
C TYR A 388 -11.92 -18.29 22.76
N LEU A 389 -12.86 -17.44 22.35
CA LEU A 389 -13.84 -16.84 23.23
C LEU A 389 -15.16 -17.61 23.16
N THR A 390 -15.66 -17.99 24.33
CA THR A 390 -17.01 -18.55 24.48
C THR A 390 -17.73 -17.80 25.60
N ARG A 391 -19.00 -18.11 25.85
CA ARG A 391 -19.77 -17.41 26.86
C ARG A 391 -19.25 -17.65 28.27
N ASP A 392 -18.45 -18.71 28.43
CA ASP A 392 -18.03 -19.21 29.74
C ASP A 392 -16.56 -19.04 30.04
N ASN A 393 -15.76 -18.91 28.99
CA ASN A 393 -14.32 -18.92 29.11
C ASN A 393 -13.64 -18.23 27.92
N LEU A 394 -12.39 -17.87 28.13
CA LEU A 394 -11.53 -17.41 27.05
C LEU A 394 -10.19 -18.09 27.20
N VAL A 395 -9.77 -18.77 26.13
CA VAL A 395 -8.47 -19.45 26.10
C VAL A 395 -7.58 -18.79 25.06
N VAL A 396 -6.38 -18.44 25.50
CA VAL A 396 -5.37 -17.85 24.63
C VAL A 396 -4.12 -18.74 24.58
N LEU A 397 -3.71 -19.07 23.36
CA LEU A 397 -2.52 -19.88 23.09
C LEU A 397 -1.43 -18.98 22.51
N SER A 398 -0.24 -19.05 23.10
CA SER A 398 0.89 -18.27 22.61
C SER A 398 2.10 -19.17 22.33
N PRO A 399 3.13 -18.64 21.61
CA PRO A 399 4.36 -19.41 21.35
C PRO A 399 5.02 -19.98 22.61
N GLY A 400 5.78 -21.07 22.43
CA GLY A 400 6.40 -21.76 23.53
C GLY A 400 5.38 -22.62 24.24
N GLU A 401 4.28 -22.92 23.54
CA GLU A 401 3.16 -23.72 24.03
C GLU A 401 2.56 -23.20 25.33
N LYS A 402 2.57 -21.89 25.51
CA LYS A 402 2.00 -21.27 26.72
C LYS A 402 0.49 -21.16 26.56
N VAL A 403 -0.23 -21.45 27.64
CA VAL A 403 -1.68 -21.50 27.63
C VAL A 403 -2.23 -20.63 28.77
N SER A 404 -3.05 -19.64 28.42
CA SER A 404 -3.72 -18.80 29.41
C SER A 404 -5.20 -19.07 29.39
N THR A 405 -5.81 -19.12 30.58
CA THR A 405 -7.23 -19.41 30.71
C THR A 405 -7.92 -18.32 31.52
N GLU A 407 -11.78 -15.74 32.29
CA GLU A 407 -13.19 -15.44 32.18
C GLU A 407 -13.29 -14.03 31.63
N TYR A 408 -14.11 -13.85 30.61
CA TYR A 408 -14.23 -12.55 29.96
C TYR A 408 -15.48 -11.79 30.41
N ASP A 409 -15.26 -10.56 30.87
CA ASP A 409 -16.35 -9.68 31.28
C ASP A 409 -16.76 -8.88 30.05
N PHE A 410 -17.95 -9.17 29.55
CA PHE A 410 -18.42 -8.61 28.29
C PHE A 410 -18.81 -7.14 28.37
N GLU A 411 -19.35 -6.71 29.51
CA GLU A 411 -19.67 -5.30 29.78
C GLU A 411 -18.39 -4.47 29.95
N SER A 412 -17.54 -4.89 30.88
CA SER A 412 -16.25 -4.27 31.14
C SER A 412 -15.27 -4.35 29.97
N GLN A 413 -15.37 -5.46 29.20
CA GLN A 413 -14.38 -5.82 28.17
C GLN A 413 -13.01 -6.08 28.79
N THR A 414 -13.03 -6.74 29.95
CA THR A 414 -11.83 -7.07 30.72
C THR A 414 -11.87 -8.53 31.10
N LYS A 416 -10.29 -11.89 33.74
CA LYS A 416 -9.68 -12.36 34.99
C LYS A 416 -9.26 -13.82 34.79
N PRO A 417 -8.26 -14.31 35.55
CA PRO A 417 -7.84 -15.73 35.53
C PRO A 417 -8.99 -16.70 35.84
N LEU A 418 -8.94 -17.89 35.26
CA LEU A 418 -10.01 -18.90 35.40
C LEU A 418 -9.55 -20.29 34.96
N GLU A 419 -9.83 -21.29 35.80
CA GLU A 419 -9.51 -22.69 35.51
C GLU A 419 -10.61 -23.32 34.69
N VAL A 420 -10.24 -24.12 33.70
CA VAL A 420 -11.22 -24.80 32.85
C VAL A 420 -10.86 -26.26 32.62
N ASP A 421 -11.86 -27.05 32.21
CA ASP A 421 -11.66 -28.46 31.88
C ASP A 421 -10.61 -28.60 30.78
N GLU A 422 -9.95 -29.76 30.73
CA GLU A 422 -9.00 -30.06 29.65
C GLU A 422 -9.69 -29.99 28.29
N SER A 423 -10.97 -30.35 28.26
CA SER A 423 -11.79 -30.31 27.06
C SER A 423 -11.96 -28.89 26.49
N VAL A 424 -11.88 -27.88 27.37
CA VAL A 424 -11.97 -26.47 26.95
C VAL A 424 -10.67 -26.02 26.27
N ILE A 425 -9.53 -26.43 26.83
CA ILE A 425 -8.23 -26.15 26.23
C ILE A 425 -8.06 -26.90 24.90
N ASP A 426 -8.51 -28.15 24.85
CA ASP A 426 -8.34 -29.00 23.66
C ASP A 426 -9.18 -28.52 22.48
N ARG A 427 -10.35 -27.97 22.75
CA ARG A 427 -11.22 -27.42 21.71
C ARG A 427 -10.58 -26.17 21.09
N ALA A 428 -9.97 -25.35 21.94
CA ALA A 428 -9.28 -24.13 21.52
C ALA A 428 -8.04 -24.47 20.68
N LYS A 429 -7.21 -25.36 21.22
CA LYS A 429 -5.99 -25.84 20.54
C LYS A 429 -6.34 -26.46 19.19
N ALA A 430 -7.34 -27.33 19.17
CA ALA A 430 -7.78 -27.98 17.93
C ALA A 430 -8.15 -26.96 16.85
N ASN A 431 -8.90 -25.93 17.24
CA ASN A 431 -9.29 -24.86 16.32
C ASN A 431 -8.13 -23.92 15.92
N ALA A 432 -7.20 -23.71 16.85
CA ALA A 432 -5.96 -22.96 16.58
C ALA A 432 -5.12 -23.60 15.47
N LEU A 433 -5.14 -24.93 15.41
CA LEU A 433 -4.29 -25.70 14.51
C LEU A 433 -4.88 -25.94 13.13
N PHE A 434 -6.21 -25.80 13.02
CA PHE A 434 -6.90 -26.32 11.84
C PHE A 434 -6.45 -25.69 10.52
N ALA A 435 -6.51 -24.36 10.43
CA ALA A 435 -6.18 -23.66 9.20
C ALA A 435 -4.75 -23.97 8.75
N SER A 436 -3.83 -23.97 9.69
CA SER A 436 -2.43 -24.30 9.43
C SER A 436 -2.28 -25.70 8.82
N LYS A 437 -3.02 -26.67 9.35
CA LYS A 437 -2.97 -28.04 8.82
C LYS A 437 -3.76 -28.19 7.51
N ALA A 438 -4.89 -27.50 7.40
CA ALA A 438 -5.75 -27.61 6.22
C ALA A 438 -5.03 -27.04 5.00
N TYR A 439 -4.30 -25.96 5.25
CA TYR A 439 -3.46 -25.33 4.23
C TYR A 439 -2.37 -26.28 3.75
N GLN A 440 -1.58 -26.79 4.70
CA GLN A 440 -0.53 -27.78 4.40
C GLN A 440 -1.03 -28.97 3.58
N ASN A 441 -2.24 -29.44 3.87
CA ASN A 441 -2.72 -30.69 3.30
C ASN A 441 -3.78 -30.57 2.21
N ASN A 442 -4.08 -29.33 1.82
CA ASN A 442 -5.05 -29.03 0.75
C ASN A 442 -6.46 -29.49 1.10
N TRP A 443 -6.85 -29.19 2.33
CA TRP A 443 -8.15 -29.60 2.83
C TRP A 443 -9.24 -28.59 2.52
N TYR A 444 -8.86 -27.53 1.81
CA TYR A 444 -9.78 -26.43 1.63
C TYR A 444 -9.89 -25.98 0.16
N SER A 445 -9.90 -26.97 -0.73
CA SER A 445 -9.99 -26.73 -2.16
C SER A 445 -11.43 -26.46 -2.59
N SER A 446 -11.59 -26.00 -3.83
CA SER A 446 -12.92 -25.84 -4.42
C SER A 446 -13.45 -27.05 -5.17
N LYS A 447 -12.80 -28.21 -5.02
CA LYS A 447 -13.29 -29.45 -5.65
C LYS A 447 -14.64 -29.86 -5.04
N ARG A 448 -15.58 -30.26 -5.89
CA ARG A 448 -16.93 -30.63 -5.48
C ARG A 448 -17.62 -31.44 -6.58
N SER B 40 -4.10 15.35 -20.55
CA SER B 40 -2.98 16.16 -21.11
C SER B 40 -2.54 17.22 -20.11
N ALA B 41 -1.33 17.76 -20.31
CA ALA B 41 -0.85 18.90 -19.55
C ALA B 41 -1.25 20.17 -20.29
N GLU B 42 -1.39 20.03 -21.61
CA GLU B 42 -1.85 21.14 -22.44
C GLU B 42 -3.21 21.64 -21.98
N GLN B 43 -4.10 20.72 -21.62
CA GLN B 43 -5.38 21.07 -21.00
C GLN B 43 -5.26 22.03 -19.81
N PHE B 44 -4.15 21.94 -19.06
CA PHE B 44 -3.97 22.76 -17.86
C PHE B 44 -3.19 24.07 -18.07
N TYR B 45 -2.12 24.01 -18.86
CA TYR B 45 -1.20 25.13 -18.97
C TYR B 45 -1.24 25.80 -20.33
N GLY B 46 -2.09 25.28 -21.22
CA GLY B 46 -2.21 25.84 -22.57
C GLY B 46 -1.36 25.13 -23.58
N LYS B 47 -1.74 25.25 -24.84
CA LYS B 47 -0.99 24.67 -25.92
C LYS B 47 0.26 25.50 -26.17
N ASP B 49 3.47 25.31 -29.44
CA ASP B 49 3.97 24.64 -30.64
C ASP B 49 5.14 23.73 -30.26
N ASN B 50 5.11 22.49 -30.77
CA ASN B 50 6.11 21.47 -30.42
C ASN B 50 7.55 21.93 -30.59
N GLN B 51 7.83 22.54 -31.75
CA GLN B 51 9.17 23.01 -32.05
C GLN B 51 9.63 24.09 -31.08
N LYS B 52 8.76 25.07 -30.77
CA LYS B 52 9.11 26.09 -29.79
C LYS B 52 9.39 25.46 -28.42
N LEU B 54 10.08 22.23 -27.57
CA LEU B 54 11.29 21.39 -27.62
C LEU B 54 12.58 22.21 -27.65
N ASP B 55 12.63 23.26 -28.47
CA ASP B 55 13.77 24.20 -28.50
C ASP B 55 14.05 24.80 -27.11
N LEU B 56 13.01 25.22 -26.41
CA LEU B 56 13.22 25.76 -25.05
C LEU B 56 13.62 24.70 -24.04
N VAL B 57 13.06 23.50 -24.18
CA VAL B 57 13.47 22.36 -23.34
C VAL B 57 14.97 22.06 -23.57
N ARG B 58 15.39 21.99 -24.83
CA ARG B 58 16.80 21.69 -25.15
C ARG B 58 17.75 22.80 -24.69
N ALA B 59 17.42 24.06 -25.00
CA ALA B 59 18.22 25.20 -24.56
C ALA B 59 18.35 25.29 -23.03
N SER B 60 17.23 25.21 -22.33
CA SER B 60 17.24 25.35 -20.87
C SER B 60 17.94 24.18 -20.18
N SER B 61 17.95 23.00 -20.82
CA SER B 61 18.63 21.82 -20.26
C SER B 61 20.13 21.98 -20.08
N THR B 62 20.76 22.77 -20.95
CA THR B 62 22.22 22.87 -21.05
C THR B 62 22.91 21.61 -21.64
N LYS B 63 22.13 20.60 -22.04
CA LYS B 63 22.73 19.34 -22.57
C LYS B 63 23.45 19.60 -23.88
N ILE B 64 24.53 18.87 -24.11
CA ILE B 64 25.35 19.05 -25.31
C ILE B 64 25.05 17.96 -26.35
N ASP B 65 25.19 18.30 -27.63
CA ASP B 65 25.11 17.34 -28.74
C ASP B 65 23.76 16.65 -28.93
N PHE B 66 22.70 17.44 -28.97
CA PHE B 66 21.40 16.93 -29.37
C PHE B 66 21.46 16.44 -30.79
N ASP B 67 20.79 15.32 -31.02
CA ASP B 67 20.71 14.71 -32.30
C ASP B 67 19.27 14.26 -32.39
N PRO B 68 18.37 15.15 -32.84
CA PRO B 68 16.96 14.80 -32.79
C PRO B 68 16.54 13.88 -33.94
N THR B 69 17.50 13.10 -34.46
CA THR B 69 17.28 12.07 -35.51
C THR B 69 16.19 11.04 -35.12
N LEU B 70 16.34 10.44 -33.94
CA LEU B 70 15.45 9.37 -33.48
C LEU B 70 14.54 9.81 -32.33
N LEU B 71 15.07 10.61 -31.40
CA LEU B 71 14.27 11.17 -30.30
C LEU B 71 14.64 12.64 -30.15
N PRO B 72 13.62 13.50 -29.97
CA PRO B 72 13.83 14.94 -29.99
C PRO B 72 14.81 15.47 -28.95
N THR B 73 14.91 14.80 -27.80
CA THR B 73 15.92 15.20 -26.80
C THR B 73 17.13 14.27 -26.71
N ASN B 75 20.59 13.02 -26.78
CA ASN B 75 21.83 13.78 -26.64
C ASN B 75 22.95 12.88 -26.16
N SER B 76 24.18 13.28 -26.41
CA SER B 76 25.32 12.44 -26.05
C SER B 76 26.17 13.14 -25.04
N ASN B 77 26.36 12.50 -23.89
CA ASN B 77 27.15 13.08 -22.84
C ASN B 77 28.27 12.11 -22.42
N PRO B 78 29.52 12.43 -22.81
CA PRO B 78 30.57 11.49 -22.46
C PRO B 78 30.84 11.56 -20.98
N ALA B 79 31.22 10.44 -20.37
CA ALA B 79 31.41 10.41 -18.93
C ALA B 79 32.65 11.15 -18.51
N THR B 80 32.53 11.89 -17.42
CA THR B 80 33.67 12.56 -16.81
C THR B 80 34.71 11.52 -16.39
N TYR B 81 34.26 10.43 -15.79
CA TYR B 81 35.15 9.34 -15.41
C TYR B 81 35.40 8.37 -16.58
N GLN B 82 36.68 8.14 -16.89
CA GLN B 82 37.02 7.35 -18.09
C GLN B 82 37.79 6.08 -17.75
N GLY B 83 37.87 5.76 -16.46
CA GLY B 83 38.52 4.52 -16.02
C GLY B 83 37.58 3.33 -15.99
N LYS B 84 38.01 2.26 -15.31
CA LYS B 84 37.23 1.04 -15.17
C LYS B 84 35.80 1.30 -14.70
N ARG B 85 34.82 0.80 -15.46
CA ARG B 85 33.41 0.99 -15.14
C ARG B 85 33.09 0.61 -13.68
N LYS B 86 32.47 1.53 -12.96
CA LYS B 86 32.13 1.32 -11.56
C LYS B 86 30.71 0.80 -11.37
N ASN B 87 30.50 0.15 -10.25
CA ASN B 87 29.16 -0.18 -9.78
C ASN B 87 28.44 1.09 -9.30
N LEU B 88 27.12 1.06 -9.41
CA LEU B 88 26.30 2.18 -8.97
C LEU B 88 25.21 1.66 -8.04
N VAL B 89 25.12 2.24 -6.85
CA VAL B 89 24.13 1.86 -5.86
C VAL B 89 23.36 3.13 -5.44
N ILE B 90 22.04 3.09 -5.64
CA ILE B 90 21.18 4.18 -5.19
C ILE B 90 20.43 3.73 -3.93
N LEU B 91 20.67 4.42 -2.82
CA LEU B 91 19.97 4.18 -1.56
C LEU B 91 18.85 5.21 -1.45
N LEU B 92 17.68 4.85 -1.98
CA LEU B 92 16.54 5.77 -2.04
C LEU B 92 15.89 5.82 -0.68
N GLN B 93 15.64 7.02 -0.18
CA GLN B 93 15.14 7.23 1.17
C GLN B 93 13.66 7.65 1.17
N GLU B 94 12.78 6.77 1.62
CA GLU B 94 11.35 7.14 1.75
C GLU B 94 11.11 8.38 2.62
N SER B 95 10.48 9.40 2.01
CA SER B 95 9.98 10.59 2.72
C SER B 95 11.02 11.33 3.53
N LEU B 96 12.28 11.30 3.12
CA LEU B 96 13.30 11.98 3.89
C LEU B 96 13.48 13.43 3.42
N GLY B 97 12.56 14.29 3.78
CA GLY B 97 12.69 15.70 3.43
C GLY B 97 13.84 16.35 4.18
N ALA B 98 14.41 17.39 3.58
CA ALA B 98 15.43 18.20 4.25
C ALA B 98 14.99 18.70 5.62
N GLN B 99 13.67 18.84 5.83
CA GLN B 99 13.15 19.30 7.15
C GLN B 99 13.52 18.35 8.27
N PHE B 100 13.83 17.10 7.92
CA PHE B 100 14.23 16.09 8.91
C PHE B 100 15.75 15.93 9.02
N VAL B 101 16.51 16.77 8.31
CA VAL B 101 17.96 16.50 8.17
C VAL B 101 18.77 17.61 8.84
N GLY B 102 19.46 17.26 9.91
CA GLY B 102 20.18 18.26 10.73
C GLY B 102 21.18 19.11 9.95
N SER B 103 21.96 18.46 9.07
CA SER B 103 23.00 19.17 8.32
C SER B 103 22.41 20.13 7.27
N LEU B 104 21.11 20.00 7.01
CA LEU B 104 20.40 20.93 6.12
CA LEU B 104 20.39 20.93 6.13
C LEU B 104 19.53 21.90 6.90
N GLY B 105 19.86 22.11 8.18
CA GLY B 105 19.08 23.01 9.04
C GLY B 105 17.76 22.41 9.50
N GLY B 106 17.55 21.11 9.28
CA GLY B 106 16.33 20.45 9.76
C GLY B 106 16.41 19.99 11.21
N LEU B 107 15.41 19.22 11.61
CA LEU B 107 15.40 18.55 12.93
C LEU B 107 16.61 17.59 13.09
N PRO B 108 17.12 17.41 14.32
CA PRO B 108 18.33 16.58 14.52
C PRO B 108 18.08 15.08 14.43
N LEU B 109 17.50 14.63 13.32
CA LEU B 109 17.08 13.25 13.17
C LEU B 109 18.04 12.35 12.36
N THR B 110 19.10 12.95 11.80
CA THR B 110 19.98 12.22 10.90
C THR B 110 21.47 12.37 11.31
N PRO B 111 21.85 11.99 12.55
CA PRO B 111 23.26 12.19 12.91
C PRO B 111 24.23 11.36 12.04
N ASN B 112 23.81 10.18 11.60
CA ASN B 112 24.71 9.35 10.81
C ASN B 112 24.89 9.93 9.42
N LEU B 113 23.77 10.23 8.78
CA LEU B 113 23.81 10.91 7.51
C LEU B 113 24.61 12.19 7.58
N ASP B 114 24.45 12.98 8.65
CA ASP B 114 25.12 14.25 8.76
C ASP B 114 26.64 14.06 8.71
N GLU B 115 27.14 13.01 9.38
CA GLU B 115 28.57 12.67 9.33
C GLU B 115 29.02 12.28 7.91
N LEU B 116 28.29 11.36 7.27
CA LEU B 116 28.60 10.92 5.91
C LEU B 116 28.61 12.06 4.88
N GLN B 118 29.82 14.90 5.34
CA GLN B 118 31.14 15.51 5.37
C GLN B 118 32.20 14.79 4.55
N GLU B 119 31.87 13.59 4.03
CA GLU B 119 32.85 12.71 3.38
C GLU B 119 32.64 12.62 1.87
N GLY B 120 31.53 13.15 1.38
CA GLY B 120 31.31 13.14 -0.06
C GLY B 120 30.78 14.43 -0.63
N TRP B 121 30.09 14.28 -1.74
CA TRP B 121 29.49 15.35 -2.51
C TRP B 121 28.03 15.57 -2.02
N GLN B 122 27.87 16.55 -1.14
CA GLN B 122 26.62 16.96 -0.53
C GLN B 122 25.94 18.01 -1.44
N PHE B 123 24.68 17.83 -1.76
CA PHE B 123 23.92 18.82 -2.52
C PHE B 123 22.98 19.53 -1.55
N THR B 124 23.19 20.84 -1.36
CA THR B 124 22.41 21.60 -0.36
C THR B 124 21.16 22.24 -0.92
N GLN B 125 20.94 22.09 -2.23
CA GLN B 125 19.78 22.69 -2.86
C GLN B 125 19.22 21.71 -3.85
N TYR B 127 16.16 19.20 -5.18
CA TYR B 127 14.70 19.25 -5.12
C TYR B 127 14.15 18.04 -5.86
N ALA B 128 13.20 17.36 -5.22
CA ALA B 128 12.47 16.31 -5.91
C ALA B 128 11.53 16.94 -6.92
N THR B 129 11.21 16.23 -7.98
CA THR B 129 10.32 16.77 -8.97
C THR B 129 8.87 16.46 -8.58
N GLY B 130 8.68 15.76 -7.46
CA GLY B 130 7.35 15.30 -7.09
C GLY B 130 7.15 15.10 -5.62
N THR B 131 6.00 14.50 -5.28
CA THR B 131 5.66 14.25 -3.86
C THR B 131 5.40 12.77 -3.52
N ARG B 132 5.34 11.92 -4.53
CA ARG B 132 4.93 10.52 -4.37
C ARG B 132 6.12 9.63 -4.66
N SER B 133 6.14 8.48 -4.03
CA SER B 133 7.27 7.54 -4.13
C SER B 133 7.63 7.20 -5.56
N VAL B 134 6.62 6.88 -6.37
CA VAL B 134 6.87 6.40 -7.71
C VAL B 134 7.53 7.47 -8.59
N ARG B 135 7.30 8.74 -8.28
CA ARG B 135 7.93 9.82 -9.05
C ARG B 135 9.37 10.03 -8.65
N GLY B 136 9.67 9.76 -7.38
CA GLY B 136 11.07 9.80 -6.95
C GLY B 136 11.81 8.63 -7.59
N ILE B 137 11.12 7.49 -7.73
CA ILE B 137 11.64 6.36 -8.51
C ILE B 137 11.83 6.70 -10.00
N GLU B 138 10.78 7.24 -10.61
CA GLU B 138 10.86 7.77 -11.98
C GLU B 138 12.09 8.68 -12.20
N ALA B 139 12.31 9.61 -11.28
CA ALA B 139 13.39 10.58 -11.41
C ALA B 139 14.76 9.93 -11.42
N VAL B 140 15.05 9.07 -10.44
CA VAL B 140 16.38 8.44 -10.35
C VAL B 140 16.64 7.28 -11.34
N THR B 141 15.59 6.66 -11.85
CA THR B 141 15.78 5.52 -12.77
C THR B 141 15.60 5.87 -14.26
N THR B 142 14.87 6.94 -14.53
CA THR B 142 14.61 7.33 -15.92
C THR B 142 15.06 8.75 -16.21
N GLY B 143 15.18 9.58 -15.15
CA GLY B 143 15.46 10.99 -15.32
C GLY B 143 14.33 11.80 -15.97
N PHE B 144 13.13 11.21 -16.10
CA PHE B 144 11.97 11.83 -16.78
C PHE B 144 11.37 12.95 -15.90
N PRO B 145 11.06 14.13 -16.49
CA PRO B 145 10.50 15.23 -15.69
C PRO B 145 9.04 14.99 -15.35
N PRO B 146 8.45 15.81 -14.47
CA PRO B 146 7.10 15.53 -14.01
C PRO B 146 6.01 15.98 -14.99
N SER B 147 4.78 15.53 -14.73
CA SER B 147 3.59 15.96 -15.44
C SER B 147 2.43 15.95 -14.46
N PRO B 148 1.27 16.54 -14.83
CA PRO B 148 0.08 16.45 -14.00
C PRO B 148 -0.37 15.01 -13.76
N SER B 149 0.06 14.09 -14.61
CA SER B 149 -0.29 12.69 -14.46
C SER B 149 0.58 11.98 -13.41
N ARG B 150 0.31 10.71 -13.21
CA ARG B 150 1.15 9.88 -12.35
C ARG B 150 2.52 9.70 -13.01
N ALA B 151 3.50 9.32 -12.21
CA ALA B 151 4.80 8.86 -12.71
C ALA B 151 4.63 7.70 -13.73
N VAL B 152 5.56 7.64 -14.69
CA VAL B 152 5.58 6.60 -15.73
C VAL B 152 5.63 5.18 -15.18
N VAL B 153 6.07 5.04 -13.93
CA VAL B 153 5.96 3.77 -13.19
C VAL B 153 4.53 3.18 -13.25
N LYS B 154 3.52 4.05 -13.27
CA LYS B 154 2.14 3.56 -13.22
C LYS B 154 1.36 3.70 -14.53
N LEU B 155 1.94 4.35 -15.54
CA LEU B 155 1.22 4.64 -16.79
C LEU B 155 1.35 3.49 -17.76
N SER B 156 0.30 3.23 -18.53
CA SER B 156 0.23 2.00 -19.28
C SER B 156 1.17 1.91 -20.49
N LYS B 157 1.51 3.05 -21.10
CA LYS B 157 2.37 3.03 -22.29
C LYS B 157 3.85 2.81 -21.98
N SER B 158 4.22 3.03 -20.72
CA SER B 158 5.62 3.01 -20.29
C SER B 158 6.01 1.76 -19.53
N GLN B 159 5.19 0.70 -19.64
CA GLN B 159 5.48 -0.55 -18.91
C GLN B 159 6.53 -1.42 -19.62
N THR B 160 6.87 -1.06 -20.85
CA THR B 160 7.94 -1.69 -21.63
C THR B 160 8.50 -0.70 -22.67
N GLY B 161 9.75 -0.89 -23.09
CA GLY B 161 10.37 -0.01 -24.08
C GLY B 161 10.65 1.41 -23.58
N PHE B 162 10.53 1.64 -22.28
CA PHE B 162 10.73 2.99 -21.75
C PHE B 162 12.18 3.24 -21.35
N PHE B 163 12.67 4.44 -21.61
CA PHE B 163 14.05 4.69 -21.29
C PHE B 163 14.27 4.53 -19.78
N THR B 164 15.21 3.68 -19.40
CA THR B 164 15.72 3.69 -18.02
C THR B 164 17.22 3.49 -18.04
N ILE B 165 17.91 3.95 -16.99
CA ILE B 165 19.33 3.64 -16.87
C ILE B 165 19.61 2.18 -16.53
N ALA B 166 18.64 1.45 -15.97
CA ALA B 166 18.77 -0.03 -15.84
C ALA B 166 18.90 -0.68 -17.22
N ASP B 167 17.99 -0.31 -18.12
CA ASP B 167 18.04 -0.87 -19.45
C ASP B 167 19.36 -0.46 -20.10
N LEU B 168 19.73 0.82 -19.98
CA LEU B 168 21.01 1.30 -20.55
C LEU B 168 22.22 0.54 -20.00
N LEU B 169 22.23 0.32 -18.70
CA LEU B 169 23.39 -0.31 -18.06
C LEU B 169 23.46 -1.82 -18.29
N LYS B 170 22.28 -2.47 -18.29
CA LYS B 170 22.14 -3.85 -18.75
C LYS B 170 22.78 -4.04 -20.14
N GLU B 171 22.51 -3.11 -21.05
CA GLU B 171 23.08 -3.24 -22.40
C GLU B 171 24.61 -3.08 -22.34
N GLN B 172 25.11 -2.33 -21.37
CA GLN B 172 26.56 -2.18 -21.15
C GLN B 172 27.11 -3.30 -20.26
N GLY B 173 26.34 -4.38 -20.11
CA GLY B 173 26.76 -5.56 -19.35
C GLY B 173 26.75 -5.47 -17.82
N TYR B 174 25.94 -4.56 -17.26
CA TYR B 174 25.72 -4.51 -15.82
C TYR B 174 24.68 -5.52 -15.36
N HIS B 175 24.88 -6.12 -14.19
CA HIS B 175 23.74 -6.77 -13.53
C HIS B 175 22.83 -5.70 -12.89
N THR B 176 21.51 -5.82 -13.09
CA THR B 176 20.57 -4.79 -12.63
C THR B 176 19.59 -5.35 -11.61
N GLN B 177 19.42 -4.62 -10.50
CA GLN B 177 18.53 -5.11 -9.46
C GLN B 177 17.82 -4.02 -8.66
N PHE B 178 16.67 -4.42 -8.13
CA PHE B 178 15.91 -3.62 -7.19
C PHE B 178 15.89 -4.39 -5.88
N ILE B 179 16.24 -3.72 -4.77
CA ILE B 179 16.15 -4.32 -3.46
C ILE B 179 15.14 -3.57 -2.59
N TYR B 180 14.13 -4.29 -2.10
CA TYR B 180 13.03 -3.72 -1.33
C TYR B 180 12.75 -4.58 -0.09
N GLY B 181 12.18 -3.98 0.95
CA GLY B 181 11.85 -4.69 2.19
C GLY B 181 10.44 -5.28 2.26
N GLY B 182 9.58 -4.88 1.35
CA GLY B 182 8.19 -5.33 1.33
C GLY B 182 7.86 -6.02 0.03
N GLU B 183 6.60 -5.95 -0.37
CA GLU B 183 6.08 -6.61 -1.56
C GLU B 183 6.34 -5.72 -2.74
N ALA B 184 7.18 -6.17 -3.69
CA ALA B 184 7.66 -5.27 -4.74
C ALA B 184 6.61 -4.90 -5.76
N ASN B 185 5.46 -5.59 -5.77
CA ASN B 185 4.34 -5.13 -6.57
C ASN B 185 3.54 -3.99 -5.95
N PHE B 186 3.92 -3.55 -4.76
CA PHE B 186 3.39 -2.28 -4.23
C PHE B 186 3.68 -1.15 -5.24
N ASP B 187 2.71 -0.27 -5.45
CA ASP B 187 2.87 0.88 -6.38
C ASP B 187 3.29 0.47 -7.77
N ASN B 188 3.02 -0.79 -8.13
CA ASN B 188 3.36 -1.37 -9.45
C ASN B 188 4.87 -1.40 -9.76
N LYS B 190 7.42 -3.65 -9.31
CA LYS B 190 7.95 -4.85 -9.94
C LYS B 190 7.64 -4.90 -11.42
N THR B 191 6.36 -4.69 -11.80
CA THR B 191 5.96 -4.71 -13.21
C THR B 191 6.77 -3.73 -14.06
N PHE B 192 6.88 -2.49 -13.59
CA PHE B 192 7.63 -1.46 -14.30
C PHE B 192 9.12 -1.84 -14.46
N PHE B 193 9.73 -2.34 -13.39
CA PHE B 193 11.16 -2.67 -13.40
C PHE B 193 11.47 -3.84 -14.36
N PHE B 194 10.72 -4.93 -14.24
CA PHE B 194 10.94 -6.12 -15.08
C PHE B 194 10.68 -5.80 -16.52
N GLY B 195 9.78 -4.85 -16.75
CA GLY B 195 9.45 -4.40 -18.08
C GLY B 195 10.53 -3.54 -18.68
N ASN B 196 11.36 -2.93 -17.83
CA ASN B 196 12.30 -1.90 -18.30
C ASN B 196 13.77 -2.02 -17.83
N GLY B 197 14.33 -3.23 -17.94
CA GLY B 197 15.77 -3.41 -17.80
C GLY B 197 16.30 -3.93 -16.46
N PHE B 198 15.42 -4.22 -15.50
CA PHE B 198 15.85 -4.80 -14.24
C PHE B 198 15.90 -6.32 -14.32
N ASP B 199 17.09 -6.88 -14.06
CA ASP B 199 17.26 -8.34 -14.11
C ASP B 199 16.62 -9.06 -12.93
N GLN B 200 16.74 -8.44 -11.76
CA GLN B 200 16.47 -9.13 -10.50
C GLN B 200 15.78 -8.19 -9.52
N ILE B 201 14.81 -8.75 -8.80
CA ILE B 201 14.17 -8.02 -7.72
C ILE B 201 14.36 -8.80 -6.43
N VAL B 202 14.86 -8.15 -5.40
CA VAL B 202 14.93 -8.74 -4.08
C VAL B 202 13.83 -8.07 -3.26
N GLU B 203 12.89 -8.88 -2.76
CA GLU B 203 11.74 -8.35 -2.01
C GLU B 203 11.49 -9.13 -0.73
N GLU B 204 10.36 -8.88 -0.06
CA GLU B 204 10.11 -9.44 1.26
C GLU B 204 10.28 -10.98 1.32
N LYS B 205 9.72 -11.67 0.32
CA LYS B 205 9.78 -13.14 0.27
C LYS B 205 11.21 -13.72 0.15
N ASN B 206 12.21 -12.83 0.09
CA ASN B 206 13.61 -13.23 -0.08
C ASN B 206 14.45 -13.07 1.19
N TYR B 207 13.83 -12.57 2.26
CA TYR B 207 14.53 -12.41 3.53
C TYR B 207 14.27 -13.65 4.34
N THR B 208 15.33 -14.35 4.71
CA THR B 208 15.15 -15.64 5.39
C THR B 208 14.75 -15.46 6.86
N ASN B 209 15.43 -14.56 7.56
CA ASN B 209 15.20 -14.43 9.00
C ASN B 209 15.39 -13.00 9.49
N PRO B 210 14.49 -12.08 9.05
CA PRO B 210 14.65 -10.65 9.36
C PRO B 210 14.48 -10.38 10.84
N GLY B 211 15.22 -9.40 11.37
CA GLY B 211 15.15 -9.04 12.78
C GLY B 211 13.79 -8.49 13.17
N PHE B 212 13.21 -7.67 12.31
CA PHE B 212 11.97 -6.95 12.61
C PHE B 212 11.09 -6.86 11.39
N VAL B 213 9.83 -7.23 11.56
CA VAL B 213 8.83 -7.09 10.51
C VAL B 213 7.71 -6.16 10.98
N GLY B 214 7.38 -5.18 10.14
CA GLY B 214 6.22 -4.31 10.37
C GLY B 214 5.30 -4.36 9.17
N SER B 215 4.33 -3.45 9.15
CA SER B 215 3.28 -3.42 8.13
C SER B 215 3.80 -3.27 6.71
N TRP B 216 4.93 -2.57 6.57
CA TRP B 216 5.47 -2.26 5.25
C TRP B 216 6.61 -3.18 4.83
N GLY B 217 6.81 -4.24 5.60
CA GLY B 217 7.86 -5.21 5.31
C GLY B 217 8.96 -5.22 6.36
N VAL B 218 10.13 -5.71 5.96
CA VAL B 218 11.24 -5.83 6.90
C VAL B 218 11.74 -4.44 7.27
N SER B 219 12.34 -4.32 8.44
CA SER B 219 12.90 -3.04 8.85
C SER B 219 14.05 -2.59 7.93
N ASP B 220 14.34 -1.30 7.94
CA ASP B 220 15.46 -0.77 7.15
C ASP B 220 16.84 -1.40 7.50
N GLU B 221 17.06 -1.85 8.74
CA GLU B 221 18.34 -2.54 9.04
C GLU B 221 18.44 -3.86 8.28
N ASP B 222 17.35 -4.62 8.24
CA ASP B 222 17.27 -5.85 7.45
C ASP B 222 17.44 -5.60 5.95
N LEU B 223 16.83 -4.53 5.46
CA LEU B 223 17.02 -4.10 4.06
C LEU B 223 18.52 -3.90 3.74
N TYR B 224 19.20 -3.15 4.61
CA TYR B 224 20.60 -2.83 4.40
C TYR B 224 21.51 -4.06 4.58
N ASN B 225 21.23 -4.89 5.59
CA ASN B 225 21.92 -6.19 5.71
C ASN B 225 21.86 -6.98 4.40
N LYS B 226 20.66 -7.04 3.81
CA LYS B 226 20.44 -7.72 2.53
C LYS B 226 21.18 -7.04 1.39
N ALA B 227 21.18 -5.71 1.39
CA ALA B 227 21.89 -4.94 0.37
C ALA B 227 23.37 -5.31 0.38
N ASP B 228 23.98 -5.28 1.56
CA ASP B 228 25.41 -5.59 1.68
C ASP B 228 25.72 -7.03 1.26
N GLU B 229 24.83 -7.95 1.64
CA GLU B 229 24.94 -9.35 1.24
C GLU B 229 24.90 -9.46 -0.27
N GLU B 230 23.94 -8.78 -0.89
CA GLU B 230 23.81 -8.81 -2.34
C GLU B 230 25.06 -8.20 -3.02
N PHE B 231 25.58 -7.14 -2.44
CA PHE B 231 26.74 -6.47 -3.02
C PHE B 231 28.00 -7.30 -2.87
N GLU B 232 28.14 -8.06 -1.79
CA GLU B 232 29.29 -8.96 -1.66
C GLU B 232 29.19 -10.10 -2.68
N ARG B 233 27.97 -10.64 -2.81
CA ARG B 233 27.70 -11.69 -3.77
C ARG B 233 28.00 -11.26 -5.21
N LEU B 234 27.51 -10.08 -5.61
CA LEU B 234 27.68 -9.62 -6.99
C LEU B 234 29.13 -9.26 -7.32
N SER B 235 29.83 -8.70 -6.33
CA SER B 235 31.22 -8.35 -6.46
C SER B 235 32.14 -9.58 -6.70
N LYS B 236 31.69 -10.76 -6.30
CA LYS B 236 32.40 -12.00 -6.65
C LYS B 236 32.15 -12.42 -8.09
N GLY B 237 31.14 -11.82 -8.72
CA GLY B 237 30.80 -12.12 -10.12
C GLY B 237 31.66 -11.33 -11.09
N ASP B 238 31.28 -11.35 -12.36
CA ASP B 238 32.07 -10.72 -13.43
C ASP B 238 31.42 -9.42 -13.96
N LYS B 239 30.16 -9.20 -13.66
CA LYS B 239 29.51 -8.02 -14.17
C LYS B 239 29.62 -6.92 -13.12
N PRO B 240 29.88 -5.68 -13.55
CA PRO B 240 29.60 -4.60 -12.58
C PRO B 240 28.09 -4.60 -12.30
N PHE B 241 27.66 -3.95 -11.23
CA PHE B 241 26.25 -4.01 -10.87
C PHE B 241 25.57 -2.64 -10.66
N PHE B 242 24.30 -2.57 -11.00
CA PHE B 242 23.49 -1.42 -10.66
C PHE B 242 22.36 -1.87 -9.73
N SER B 243 22.28 -1.26 -8.55
CA SER B 243 21.27 -1.63 -7.57
C SER B 243 20.50 -0.40 -7.07
N LEU B 244 19.17 -0.49 -7.12
CA LEU B 244 18.31 0.50 -6.47
C LEU B 244 17.79 -0.08 -5.17
N VAL B 245 18.19 0.50 -4.05
CA VAL B 245 17.72 0.05 -2.74
C VAL B 245 16.71 1.10 -2.26
N PHE B 246 15.54 0.67 -1.74
CA PHE B 246 14.45 1.59 -1.35
C PHE B 246 13.91 1.24 0.05
N THR B 247 14.06 2.18 0.97
CA THR B 247 13.60 2.02 2.35
C THR B 247 12.06 2.05 2.43
N SER B 248 11.53 1.55 3.54
CA SER B 248 10.07 1.66 3.81
C SER B 248 9.62 1.73 5.29
N SER B 249 10.57 1.65 6.23
CA SER B 249 10.23 1.86 7.64
C SER B 249 9.44 3.14 7.89
N ASN B 250 9.77 4.18 7.14
CA ASN B 250 9.18 5.51 7.34
C ASN B 250 7.84 5.62 6.61
N HIS B 251 6.86 4.86 7.11
CA HIS B 251 5.45 5.00 6.74
C HIS B 251 4.62 4.82 8.01
N SER B 252 3.47 5.48 8.08
CA SER B 252 2.52 5.27 9.16
C SER B 252 2.09 3.81 9.10
N PRO B 253 1.97 3.13 10.27
CA PRO B 253 2.01 3.65 11.65
C PRO B 253 3.39 3.72 12.31
N TYR B 254 4.46 3.70 11.52
CA TYR B 254 5.84 3.94 12.02
C TYR B 254 6.39 2.86 12.95
N GLU B 255 6.22 1.59 12.54
CA GLU B 255 6.80 0.45 13.27
C GLU B 255 8.31 0.32 13.00
N TYR B 256 9.10 0.24 14.07
CA TYR B 256 10.55 -0.02 14.01
C TYR B 256 11.01 -0.64 15.35
N PRO B 257 12.16 -1.35 15.37
CA PRO B 257 12.51 -2.05 16.61
C PRO B 257 12.99 -1.11 17.71
N GLU B 258 12.75 -1.51 18.96
CA GLU B 258 13.32 -0.86 20.15
C GLU B 258 14.82 -1.08 20.23
N GLY B 259 15.49 -0.25 21.04
CA GLY B 259 16.90 -0.43 21.38
C GLY B 259 17.92 0.05 20.36
N LYS B 260 17.47 0.73 19.30
CA LYS B 260 18.36 1.17 18.22
C LYS B 260 18.75 2.65 18.33
N ILE B 261 17.80 3.49 18.73
CA ILE B 261 18.02 4.92 18.81
C ILE B 261 17.55 5.49 20.15
N GLU B 262 18.06 6.66 20.49
CA GLU B 262 17.42 7.48 21.48
C GLU B 262 16.35 8.29 20.77
N GLN B 263 15.10 8.04 21.13
CA GLN B 263 13.94 8.72 20.54
C GLN B 263 14.01 10.26 20.62
N TYR B 264 13.57 10.92 19.55
CA TYR B 264 13.35 12.37 19.55
C TYR B 264 11.96 12.68 20.10
N ASP B 265 10.94 12.00 19.56
CA ASP B 265 9.59 12.06 20.14
C ASP B 265 9.38 11.04 21.26
N SER B 266 8.72 11.48 22.33
CA SER B 266 8.29 10.66 23.47
C SER B 266 7.57 9.38 23.06
N GLU B 267 6.64 9.48 22.12
CA GLU B 267 5.92 8.31 21.59
C GLU B 267 6.78 7.52 20.62
N HIS B 268 6.82 6.19 20.80
CA HIS B 268 7.64 5.32 19.93
C HIS B 268 7.31 5.47 18.45
N THR B 270 6.30 7.52 15.76
CA THR B 270 6.10 8.81 15.10
C THR B 270 6.91 8.88 13.81
N ARG B 271 6.57 9.83 12.94
CA ARG B 271 7.34 10.14 11.75
C ARG B 271 8.80 10.46 12.11
N ASN B 272 9.01 11.37 13.05
CA ASN B 272 10.37 11.79 13.41
C ASN B 272 11.20 10.60 13.86
N ASN B 273 10.60 9.72 14.65
CA ASN B 273 11.33 8.57 15.16
C ASN B 273 11.64 7.53 14.09
N ALA B 274 10.73 7.37 13.14
CA ALA B 274 10.92 6.46 12.03
C ALA B 274 12.10 6.97 11.20
N VAL B 275 12.16 8.29 11.02
CA VAL B 275 13.27 8.91 10.27
C VAL B 275 14.57 8.62 11.00
N LYS B 276 14.59 8.90 12.30
CA LYS B 276 15.80 8.70 13.06
C LYS B 276 16.23 7.24 13.04
N TYR B 277 15.27 6.32 13.15
CA TYR B 277 15.58 4.89 13.02
C TYR B 277 16.22 4.58 11.66
N SER B 278 15.67 5.16 10.60
CA SER B 278 16.15 4.90 9.26
C SER B 278 17.58 5.36 9.11
N ASP B 279 17.91 6.46 9.77
CA ASP B 279 19.24 7.01 9.72
C ASP B 279 20.22 6.06 10.45
N TYR B 280 19.79 5.48 11.58
CA TYR B 280 20.58 4.47 12.28
C TYR B 280 20.84 3.29 11.35
N ALA B 281 19.83 2.93 10.56
CA ALA B 281 19.94 1.76 9.69
C ALA B 281 20.96 2.06 8.61
N LEU B 282 20.88 3.28 8.07
CA LEU B 282 21.80 3.74 7.04
C LEU B 282 23.25 3.71 7.55
N GLY B 283 23.45 4.18 8.78
CA GLY B 283 24.76 4.08 9.44
C GLY B 283 25.29 2.66 9.47
N THR B 284 24.44 1.70 9.82
CA THR B 284 24.86 0.28 9.81
C THR B 284 25.29 -0.16 8.42
N PHE B 285 24.62 0.37 7.38
CA PHE B 285 24.99 -0.03 6.03
C PHE B 285 26.40 0.41 5.70
N PHE B 286 26.68 1.69 5.96
CA PHE B 286 27.97 2.26 5.58
C PHE B 286 29.11 1.71 6.43
N ASP B 287 28.79 1.24 7.63
CA ASP B 287 29.80 0.60 8.47
C ASP B 287 30.31 -0.66 7.81
N LYS B 288 29.40 -1.41 7.20
CA LYS B 288 29.72 -2.60 6.42
C LYS B 288 30.31 -2.26 5.05
N ALA B 289 29.68 -1.33 4.33
CA ALA B 289 30.12 -0.96 2.99
C ALA B 289 31.60 -0.55 2.96
N LYS B 290 32.03 0.21 3.97
CA LYS B 290 33.36 0.75 4.03
C LYS B 290 34.42 -0.32 4.17
N LYS B 291 34.03 -1.45 4.73
CA LYS B 291 34.95 -2.53 5.06
C LYS B 291 34.82 -3.68 4.08
N SER B 292 34.05 -3.46 3.02
CA SER B 292 33.58 -4.52 2.13
C SER B 292 34.44 -4.77 0.91
N SER B 293 34.08 -5.80 0.14
CA SER B 293 34.81 -6.10 -1.09
C SER B 293 34.43 -5.19 -2.24
N TYR B 294 33.34 -4.44 -2.10
CA TYR B 294 32.81 -3.65 -3.22
C TYR B 294 33.05 -2.14 -3.09
N TRP B 295 33.56 -1.71 -1.95
CA TRP B 295 33.77 -0.29 -1.70
C TRP B 295 34.58 0.42 -2.80
N ASP B 296 35.77 -0.08 -3.09
CA ASP B 296 36.68 0.60 -3.99
C ASP B 296 36.11 0.81 -5.41
N ASP B 297 35.14 -0.01 -5.80
CA ASP B 297 34.65 -0.02 -7.19
C ASP B 297 33.23 0.55 -7.36
N THR B 298 32.70 1.13 -6.31
CA THR B 298 31.27 1.50 -6.28
C THR B 298 31.06 3.00 -6.01
N ILE B 299 30.10 3.57 -6.73
CA ILE B 299 29.55 4.90 -6.42
C ILE B 299 28.19 4.74 -5.73
N PHE B 300 28.04 5.37 -4.58
CA PHE B 300 26.78 5.35 -3.80
C PHE B 300 26.12 6.72 -3.86
N ILE B 301 24.79 6.72 -3.89
CA ILE B 301 24.04 7.95 -3.64
C ILE B 301 22.94 7.72 -2.60
N VAL B 302 22.93 8.58 -1.57
CA VAL B 302 21.83 8.63 -0.60
C VAL B 302 20.96 9.80 -1.06
N ILE B 303 19.69 9.53 -1.36
CA ILE B 303 18.77 10.57 -1.87
C ILE B 303 17.33 10.20 -1.51
N ALA B 304 16.52 11.20 -1.14
CA ALA B 304 15.11 10.96 -0.86
C ALA B 304 14.29 10.79 -2.11
N ASP B 305 13.18 10.08 -1.98
CA ASP B 305 12.19 10.01 -3.07
C ASP B 305 11.31 11.28 -3.06
N HIS B 306 11.14 11.89 -1.89
CA HIS B 306 10.34 13.12 -1.73
C HIS B 306 10.33 13.47 -0.28
N ASP B 307 9.80 14.65 0.04
CA ASP B 307 9.59 15.05 1.42
C ASP B 307 8.30 14.36 1.87
N ALA B 308 8.16 14.16 3.18
CA ALA B 308 6.87 13.79 3.80
C ALA B 308 5.77 14.65 3.17
N ARG B 309 4.66 14.04 2.79
CA ARG B 309 3.66 14.76 1.99
C ARG B 309 2.95 15.82 2.79
N VAL B 310 2.73 16.97 2.17
CA VAL B 310 1.86 18.01 2.77
C VAL B 310 0.60 18.17 1.93
N PHE B 311 -0.53 18.41 2.60
CA PHE B 311 -1.82 18.49 1.90
C PHE B 311 -2.46 19.88 2.01
N GLY B 312 -3.19 20.27 0.95
CA GLY B 312 -3.79 21.58 0.89
C GLY B 312 -2.81 22.74 0.87
N ALA B 313 -1.61 22.53 0.34
CA ALA B 313 -0.64 23.60 0.24
C ALA B 313 -1.04 24.61 -0.85
N ASN B 314 -0.49 25.81 -0.74
CA ASN B 314 -0.65 26.86 -1.73
C ASN B 314 0.31 26.66 -2.92
N LEU B 315 -0.25 26.70 -4.14
CA LEU B 315 0.51 26.60 -5.39
C LEU B 315 1.54 25.46 -5.36
N VAL B 316 2.83 25.79 -5.37
CA VAL B 316 3.88 24.80 -5.17
C VAL B 316 4.68 25.10 -3.89
N PRO B 317 4.49 24.26 -2.85
CA PRO B 317 5.23 24.41 -1.58
C PRO B 317 6.69 23.96 -1.74
N VAL B 318 7.50 24.82 -2.34
CA VAL B 318 8.92 24.54 -2.63
C VAL B 318 9.74 23.84 -1.51
N LYS B 319 9.58 24.30 -0.28
CA LYS B 319 10.39 23.72 0.80
C LYS B 319 10.08 22.22 1.01
N HIS B 320 8.88 21.81 0.60
CA HIS B 320 8.48 20.39 0.63
C HIS B 320 8.83 19.59 -0.63
N PHE B 321 9.72 20.16 -1.43
CA PHE B 321 10.44 19.40 -2.46
C PHE B 321 11.93 19.38 -2.12
N HIS B 322 12.33 20.13 -1.10
CA HIS B 322 13.74 20.19 -0.68
C HIS B 322 14.15 18.87 0.02
N ILE B 323 15.24 18.24 -0.47
CA ILE B 323 15.64 16.89 -0.04
C ILE B 323 17.16 16.78 0.01
N PRO B 324 17.65 15.87 0.85
CA PRO B 324 19.07 15.62 0.89
C PRO B 324 19.50 14.78 -0.30
N ALA B 325 20.75 14.97 -0.69
CA ALA B 325 21.36 14.13 -1.73
C ALA B 325 22.86 14.12 -1.44
N LEU B 326 23.43 12.93 -1.46
CA LEU B 326 24.82 12.75 -1.12
C LEU B 326 25.39 11.67 -2.03
N ILE B 327 26.37 12.03 -2.83
CA ILE B 327 27.15 11.06 -3.57
C ILE B 327 28.43 10.80 -2.77
N ILE B 328 28.70 9.51 -2.54
CA ILE B 328 29.79 9.13 -1.65
C ILE B 328 30.49 7.88 -2.18
N GLY B 329 31.78 7.77 -1.91
CA GLY B 329 32.54 6.61 -2.31
C GLY B 329 34.03 6.89 -2.50
N LYS B 330 34.78 5.81 -2.76
CA LYS B 330 36.21 5.91 -3.02
C LYS B 330 36.40 6.87 -4.20
N ASP B 331 37.39 7.78 -4.07
CA ASP B 331 37.72 8.79 -5.09
C ASP B 331 36.76 10.02 -5.17
N ILE B 332 35.64 10.02 -4.44
CA ILE B 332 34.76 11.21 -4.38
C ILE B 332 35.21 12.11 -3.24
N GLN B 333 35.72 13.30 -3.56
CA GLN B 333 36.21 14.22 -2.53
C GLN B 333 35.03 14.93 -1.85
N PRO B 334 35.18 15.29 -0.56
CA PRO B 334 34.16 16.11 0.08
C PRO B 334 33.87 17.33 -0.78
N ARG B 335 32.59 17.66 -0.90
CA ARG B 335 32.17 18.86 -1.62
C ARG B 335 30.78 19.29 -1.12
N LYS B 336 30.64 20.59 -0.86
CA LYS B 336 29.35 21.24 -0.58
C LYS B 336 28.90 22.03 -1.82
N ASP B 337 27.90 21.49 -2.51
CA ASP B 337 27.45 21.97 -3.80
C ASP B 337 26.06 22.62 -3.60
N ASP B 338 26.02 23.94 -3.69
CA ASP B 338 24.82 24.76 -3.45
CA ASP B 338 24.77 24.68 -3.46
C ASP B 338 24.00 25.02 -4.74
N ARG B 339 24.37 24.37 -5.84
CA ARG B 339 23.69 24.64 -7.11
C ARG B 339 22.29 24.05 -7.12
N ILE B 340 21.29 24.81 -7.55
CA ILE B 340 19.92 24.28 -7.58
C ILE B 340 19.85 23.20 -8.62
N ALA B 341 19.23 22.09 -8.23
CA ALA B 341 19.21 20.85 -8.96
C ALA B 341 17.94 20.06 -8.61
N ASN B 342 17.60 19.13 -9.50
CA ASN B 342 16.54 18.20 -9.30
C ASN B 342 17.13 16.82 -9.08
N ASN B 343 16.30 15.89 -8.62
CA ASN B 343 16.67 14.50 -8.59
C ASN B 343 16.87 13.91 -10.00
N ILE B 344 16.16 14.40 -11.02
CA ILE B 344 16.41 13.95 -12.38
C ILE B 344 17.80 14.31 -12.94
N ASP B 345 18.50 15.18 -12.25
CA ASP B 345 19.90 15.48 -12.58
C ASP B 345 20.81 14.36 -12.09
N PRO B 347 20.58 10.76 -12.44
CA PRO B 347 21.07 9.70 -13.35
C PRO B 347 22.18 10.15 -14.33
N PRO B 348 22.04 11.32 -14.98
CA PRO B 348 23.14 11.77 -15.85
C PRO B 348 24.46 11.96 -15.10
N THR B 349 24.39 12.52 -13.90
CA THR B 349 25.57 12.69 -13.06
C THR B 349 26.22 11.36 -12.66
N LEU B 350 25.40 10.36 -12.32
CA LEU B 350 25.94 9.11 -11.80
C LEU B 350 26.57 8.31 -12.95
N LEU B 351 25.94 8.31 -14.10
CA LEU B 351 26.51 7.61 -15.27
C LEU B 351 27.87 8.21 -15.61
N SER B 352 27.97 9.54 -15.49
CA SER B 352 29.23 10.23 -15.73
C SER B 352 30.30 9.81 -14.73
N LEU B 353 29.90 9.61 -13.48
CA LEU B 353 30.85 9.22 -12.41
C LEU B 353 31.30 7.75 -12.46
N ILE B 354 30.44 6.87 -12.99
CA ILE B 354 30.79 5.45 -13.02
C ILE B 354 31.49 5.05 -14.34
N GLY B 355 31.57 5.99 -15.27
CA GLY B 355 32.36 5.84 -16.48
C GLY B 355 31.55 5.38 -17.66
N VAL B 356 30.25 5.67 -17.67
CA VAL B 356 29.40 5.23 -18.81
C VAL B 356 28.98 6.41 -19.71
N ASP B 357 29.50 6.49 -20.93
CA ASP B 357 29.03 7.54 -21.86
C ASP B 357 27.56 7.28 -22.09
N ALA B 358 26.78 8.35 -22.24
CA ALA B 358 25.33 8.20 -22.26
C ALA B 358 24.75 8.81 -23.52
N LYS B 359 24.25 7.99 -24.41
CA LYS B 359 23.45 8.55 -25.48
C LYS B 359 21.98 8.29 -25.21
N THR B 360 21.34 9.30 -24.63
CA THR B 360 20.01 9.17 -24.05
C THR B 360 19.15 10.41 -24.29
N PRO B 361 17.83 10.28 -24.07
CA PRO B 361 16.94 11.46 -24.15
C PRO B 361 16.86 12.29 -22.85
N ILE B 363 17.22 14.92 -20.05
CA ILE B 363 17.49 16.34 -20.09
C ILE B 363 18.09 16.87 -18.78
N GLY B 364 18.26 15.98 -17.80
CA GLY B 364 18.85 16.36 -16.51
C GLY B 364 20.33 16.64 -16.65
N ARG B 365 20.88 17.46 -15.77
CA ARG B 365 22.24 17.92 -15.93
C ARG B 365 23.24 16.93 -15.39
N ASP B 366 24.39 16.84 -16.05
CA ASP B 366 25.51 16.09 -15.53
C ASP B 366 26.27 17.07 -14.66
N LEU B 367 26.15 16.91 -13.36
CA LEU B 367 26.69 17.90 -12.45
C LEU B 367 28.17 17.71 -12.09
N THR B 368 28.83 16.73 -12.72
CA THR B 368 30.29 16.66 -12.68
C THR B 368 30.85 17.79 -13.54
N LYS B 369 30.00 18.36 -14.38
CA LYS B 369 30.42 19.44 -15.26
C LYS B 369 29.89 20.77 -14.72
N PRO B 370 30.54 21.88 -15.15
CA PRO B 370 30.14 23.19 -14.62
C PRO B 370 28.68 23.50 -14.94
N LEU B 371 28.04 24.32 -14.11
CA LEU B 371 26.71 24.81 -14.37
C LEU B 371 26.68 26.26 -13.94
N ALA B 372 26.24 27.12 -14.84
CA ALA B 372 26.22 28.55 -14.58
C ALA B 372 25.13 28.91 -13.56
N ARG B 373 25.39 29.95 -12.78
CA ARG B 373 24.45 30.42 -11.77
C ARG B 373 23.04 30.62 -12.35
N GLU B 374 22.98 31.25 -13.53
CA GLU B 374 21.70 31.53 -14.19
C GLU B 374 20.99 30.27 -14.70
N ASP B 375 21.70 29.14 -14.73
CA ASP B 375 21.14 27.88 -15.21
C ASP B 375 20.69 26.95 -14.08
N GLU B 376 20.98 27.31 -12.84
CA GLU B 376 20.51 26.52 -11.71
C GLU B 376 18.98 26.53 -11.75
N ARG B 377 18.38 25.35 -11.57
CA ARG B 377 16.91 25.24 -11.62
C ARG B 377 16.41 23.97 -10.97
N ALA B 378 15.12 24.00 -10.61
CA ALA B 378 14.42 22.81 -10.12
C ALA B 378 12.99 22.90 -10.60
N GLN B 381 6.49 19.34 -9.18
CA GLN B 381 5.08 19.17 -9.46
C GLN B 381 4.31 18.84 -8.20
N TYR B 382 3.34 19.69 -7.88
CA TYR B 382 2.47 19.51 -6.72
C TYR B 382 1.06 19.36 -7.25
N ASP B 383 0.66 18.10 -7.38
CA ASP B 383 -0.55 17.67 -8.09
C ASP B 383 -0.70 18.35 -9.46
N LYS B 384 -1.67 19.24 -9.62
CA LYS B 384 -1.92 19.81 -10.95
C LYS B 384 -1.12 21.09 -11.23
N ASN B 385 -0.29 21.48 -10.26
CA ASN B 385 0.55 22.66 -10.34
C ASN B 385 1.99 22.28 -10.65
N PHE B 386 2.63 23.04 -11.55
CA PHE B 386 4.05 22.88 -11.87
C PHE B 386 4.83 24.14 -11.49
N GLY B 387 5.89 23.97 -10.72
CA GLY B 387 6.79 25.06 -10.33
C GLY B 387 8.15 24.97 -11.00
N TYR B 388 8.65 26.10 -11.50
CA TYR B 388 10.02 26.14 -12.04
C TYR B 388 10.81 27.19 -11.22
N LEU B 389 11.75 26.71 -10.42
CA LEU B 389 12.54 27.55 -9.51
C LEU B 389 13.91 27.82 -10.11
N THR B 390 14.33 29.10 -10.13
CA THR B 390 15.70 29.49 -10.48
C THR B 390 16.21 30.42 -9.38
N ARG B 391 17.45 30.88 -9.50
CA ARG B 391 17.99 31.83 -8.55
C ARG B 391 17.29 33.20 -8.59
N ASP B 392 16.67 33.54 -9.72
CA ASP B 392 16.11 34.88 -9.93
C ASP B 392 14.60 34.96 -9.92
N ASN B 393 13.93 33.81 -9.98
CA ASN B 393 12.46 33.76 -10.09
C ASN B 393 11.87 32.39 -9.74
N LEU B 394 10.57 32.36 -9.53
CA LEU B 394 9.83 31.12 -9.38
C LEU B 394 8.55 31.29 -10.17
N VAL B 395 8.28 30.40 -11.10
CA VAL B 395 7.02 30.45 -11.84
C VAL B 395 6.19 29.21 -11.53
N VAL B 396 4.92 29.42 -11.19
CA VAL B 396 3.98 28.32 -10.95
C VAL B 396 2.84 28.38 -11.95
N LEU B 397 2.64 27.27 -12.64
CA LEU B 397 1.57 27.17 -13.60
C LEU B 397 0.54 26.24 -13.04
N SER B 398 -0.72 26.66 -13.09
CA SER B 398 -1.77 25.80 -12.59
C SER B 398 -2.94 25.76 -13.56
N PRO B 399 -3.97 24.94 -13.27
CA PRO B 399 -5.11 24.82 -14.19
C PRO B 399 -5.83 26.14 -14.47
N GLY B 400 -6.49 26.21 -15.62
CA GLY B 400 -7.12 27.43 -16.10
C GLY B 400 -6.10 28.34 -16.77
N GLU B 401 -4.92 27.82 -17.08
CA GLU B 401 -3.83 28.61 -17.70
C GLU B 401 -3.39 29.75 -16.79
N LYS B 402 -3.46 29.53 -15.48
CA LYS B 402 -3.09 30.56 -14.51
C LYS B 402 -1.60 30.54 -14.30
N VAL B 403 -1.00 31.74 -14.31
CA VAL B 403 0.44 31.88 -14.14
C VAL B 403 0.70 32.75 -12.90
N SER B 404 1.55 32.26 -12.02
CA SER B 404 1.96 32.99 -10.82
C SER B 404 3.45 33.14 -10.87
N THR B 405 3.91 34.38 -10.79
CA THR B 405 5.33 34.71 -10.88
C THR B 405 5.79 35.33 -9.56
N GLU B 407 9.22 35.57 -6.33
CA GLU B 407 10.62 35.50 -5.99
C GLU B 407 10.70 34.61 -4.76
N TYR B 408 11.60 33.63 -4.80
CA TYR B 408 11.78 32.74 -3.66
C TYR B 408 12.88 33.26 -2.74
N ASP B 409 12.63 33.19 -1.45
CA ASP B 409 13.63 33.62 -0.48
C ASP B 409 14.26 32.35 0.07
N PHE B 410 15.51 32.12 -0.32
CA PHE B 410 16.18 30.84 -0.06
C PHE B 410 16.55 30.68 1.41
N GLU B 411 16.65 31.80 2.16
CA GLU B 411 16.83 31.68 3.61
C GLU B 411 15.54 31.25 4.34
N SER B 412 14.49 32.08 4.31
CA SER B 412 13.23 31.83 5.03
C SER B 412 12.28 30.85 4.31
N GLN B 413 12.61 30.50 3.07
CA GLN B 413 11.81 29.57 2.24
C GLN B 413 10.37 30.06 2.06
N THR B 414 10.24 31.32 1.67
CA THR B 414 8.96 32.00 1.51
C THR B 414 8.97 32.68 0.15
N LYS B 416 7.09 35.76 -2.68
CA LYS B 416 6.25 36.92 -2.90
C LYS B 416 6.25 37.25 -4.36
N PRO B 417 5.28 38.06 -4.81
CA PRO B 417 5.08 38.30 -6.23
C PRO B 417 6.29 38.99 -6.86
N LEU B 418 6.54 38.67 -8.13
CA LEU B 418 7.63 39.26 -8.87
C LEU B 418 7.19 39.30 -10.31
N GLU B 419 7.36 40.44 -10.97
CA GLU B 419 7.12 40.55 -12.41
C GLU B 419 8.36 40.04 -13.11
N VAL B 420 8.18 39.29 -14.18
CA VAL B 420 9.30 38.70 -14.91
C VAL B 420 9.07 38.84 -16.43
N ASP B 421 10.15 38.74 -17.22
CA ASP B 421 10.07 38.76 -18.69
C ASP B 421 9.27 37.55 -19.20
N GLU B 422 8.65 37.70 -20.38
CA GLU B 422 7.88 36.62 -20.96
C GLU B 422 8.74 35.37 -21.26
N SER B 423 10.02 35.56 -21.57
CA SER B 423 10.93 34.45 -21.80
C SER B 423 10.98 33.52 -20.55
N VAL B 424 10.87 34.12 -19.36
CA VAL B 424 10.90 33.38 -18.08
C VAL B 424 9.67 32.46 -18.00
N ILE B 425 8.51 32.98 -18.38
CA ILE B 425 7.31 32.17 -18.38
C ILE B 425 7.36 31.05 -19.44
N ASP B 426 7.78 31.42 -20.65
CA ASP B 426 7.95 30.46 -21.74
C ASP B 426 8.86 29.30 -21.33
N ARG B 427 9.95 29.60 -20.63
CA ARG B 427 10.87 28.55 -20.21
C ARG B 427 10.17 27.56 -19.27
N ALA B 428 9.44 28.08 -18.29
CA ALA B 428 8.70 27.27 -17.33
C ALA B 428 7.64 26.40 -18.03
N LYS B 429 6.93 27.00 -18.97
CA LYS B 429 5.77 26.36 -19.58
C LYS B 429 6.25 25.25 -20.50
N ALA B 430 7.32 25.51 -21.24
CA ALA B 430 7.89 24.51 -22.16
C ALA B 430 8.31 23.26 -21.39
N ASN B 431 8.97 23.48 -20.26
CA ASN B 431 9.37 22.36 -19.42
C ASN B 431 8.19 21.66 -18.72
N ALA B 432 7.09 22.39 -18.53
CA ALA B 432 5.91 21.88 -17.85
C ALA B 432 5.17 20.89 -18.73
N LEU B 433 5.20 21.17 -20.03
CA LEU B 433 4.46 20.42 -21.03
C LEU B 433 5.22 19.20 -21.57
N PHE B 434 6.54 19.23 -21.42
CA PHE B 434 7.44 18.26 -22.06
C PHE B 434 7.14 16.80 -21.73
N ALA B 435 7.08 16.43 -20.45
CA ALA B 435 6.85 15.03 -20.07
C ALA B 435 5.55 14.51 -20.67
N SER B 436 4.50 15.31 -20.52
CA SER B 436 3.18 14.93 -21.00
C SER B 436 3.21 14.66 -22.49
N LYS B 437 3.83 15.57 -23.26
CA LYS B 437 3.94 15.41 -24.70
C LYS B 437 4.83 14.22 -25.06
N ALA B 438 5.93 14.04 -24.31
CA ALA B 438 6.90 12.97 -24.61
C ALA B 438 6.26 11.61 -24.38
N TYR B 439 5.51 11.50 -23.29
CA TYR B 439 4.76 10.28 -23.02
C TYR B 439 3.75 10.00 -24.12
N GLN B 440 2.96 11.00 -24.51
CA GLN B 440 1.94 10.82 -25.59
C GLN B 440 2.56 10.43 -26.91
N ASN B 441 3.74 10.98 -27.19
CA ASN B 441 4.31 10.83 -28.53
C ASN B 441 5.46 9.83 -28.59
N ASN B 442 5.62 9.06 -27.52
CA ASN B 442 6.69 8.06 -27.44
C ASN B 442 8.08 8.62 -27.75
N TRP B 443 8.43 9.77 -27.16
CA TRP B 443 9.76 10.34 -27.35
C TRP B 443 10.75 10.03 -26.22
N TYR B 444 10.41 9.10 -25.33
CA TYR B 444 11.33 8.71 -24.26
C TYR B 444 11.50 7.19 -24.20
N SER B 445 11.76 6.59 -25.35
CA SER B 445 11.93 5.15 -25.47
C SER B 445 13.39 4.74 -25.26
N SER B 446 13.60 3.49 -24.83
CA SER B 446 14.95 2.91 -24.75
C SER B 446 15.51 2.50 -26.13
N LYS B 447 16.84 2.40 -26.21
CA LYS B 447 17.55 2.09 -27.44
C LYS B 447 17.46 0.58 -27.79
#